data_4DM1
#
_entry.id   4DM1
#
_cell.length_a   163.103
_cell.length_b   58.340
_cell.length_c   137.915
_cell.angle_alpha   90.000
_cell.angle_beta   109.650
_cell.angle_gamma   90.000
#
_symmetry.space_group_name_H-M   'C 1 2 1'
#
loop_
_entity.id
_entity.type
_entity.pdbx_description
1 polymer '458aa long hypothetical endo-1,4-beta-glucanase'
2 non-polymer 'PHOSPHATE ION'
3 water water
#
_entity_poly.entity_id   1
_entity_poly.type   'polypeptide(L)'
_entity_poly.pdbx_seq_one_letter_code
;QTPTGIYYEVRGDTIYMINVTSGEETPIHLFGVNWFGFETPNHVVHGLWKRNWEDMLLQIKSLGFNAIRLPFCTESVKPG
TQPIGIDYSKNPDLRGLDSLQIMEKIIKKAGDLGIFVLLDYHRIGCTHIEPLWYTEDFSEEDFINTWIEVAKRFGKYWNV
IGADLKNEPHSVTSPPAAYTDGTGATWGMGNPATDWNLAAERIGKAILKVAPHWLIFVEGTQFTNPKTDSSYKWGYNAWW
GGNLMAVKDYPVNLPKNKLVYSPHVYGPDVYNQPYFGPAKGFPDNLPDIWYHHFGYVKLELGYSVVIGEFGGKYGHGGDP
RDVIWQNKLVDWMIENKFCDFFYWSWNPDSGDTGGILQDDWTTIWEDKYNNLKRLMD
;
_entity_poly.pdbx_strand_id   A,B,C
#
loop_
_chem_comp.id
_chem_comp.type
_chem_comp.name
_chem_comp.formula
PO4 non-polymer 'PHOSPHATE ION' 'O4 P -3'
#
# COMPACT_ATOMS: atom_id res chain seq x y z
N GLN A 1 -20.35 -4.86 23.06
CA GLN A 1 -19.15 -4.07 23.34
C GLN A 1 -18.10 -4.89 24.04
N THR A 2 -18.46 -5.84 24.92
CA THR A 2 -17.48 -6.74 25.60
C THR A 2 -18.06 -7.96 26.34
N PRO A 3 -17.54 -9.17 26.07
CA PRO A 3 -18.07 -10.30 26.83
C PRO A 3 -17.52 -10.41 28.22
N THR A 4 -16.48 -9.64 28.57
CA THR A 4 -15.94 -9.75 29.91
C THR A 4 -16.32 -8.63 30.85
N GLY A 5 -16.88 -7.55 30.30
CA GLY A 5 -17.04 -6.32 31.06
C GLY A 5 -15.90 -5.31 30.98
N ILE A 6 -14.78 -5.77 30.36
CA ILE A 6 -13.59 -4.97 30.23
C ILE A 6 -13.41 -4.66 28.74
N TYR A 7 -13.10 -3.40 28.44
CA TYR A 7 -12.91 -3.05 27.01
C TYR A 7 -11.57 -2.35 26.90
N TYR A 8 -10.71 -2.79 25.98
CA TYR A 8 -9.43 -2.13 25.85
C TYR A 8 -9.46 -1.14 24.66
N GLU A 9 -8.86 0.01 24.86
CA GLU A 9 -8.86 1.02 23.77
C GLU A 9 -7.67 1.90 23.84
N VAL A 10 -7.24 2.43 22.71
CA VAL A 10 -6.21 3.48 22.69
C VAL A 10 -6.78 4.90 22.72
N ARG A 11 -6.34 5.73 23.66
CA ARG A 11 -6.75 7.14 23.69
C ARG A 11 -5.49 7.93 23.63
N GLY A 12 -5.39 8.78 22.65
CA GLY A 12 -4.10 9.45 22.32
C GLY A 12 -3.16 8.42 21.77
N ASP A 13 -2.04 8.13 22.47
CA ASP A 13 -1.21 6.99 22.13
C ASP A 13 -1.04 6.03 23.29
N THR A 14 -1.97 6.11 24.23
CA THR A 14 -1.82 5.33 25.50
C THR A 14 -2.93 4.29 25.56
N ILE A 15 -2.59 3.05 25.98
CA ILE A 15 -3.64 2.01 26.08
C ILE A 15 -4.44 2.20 27.42
N TYR A 16 -5.77 2.13 27.31
CA TYR A 16 -6.65 2.20 28.49
C TYR A 16 -7.40 0.92 28.70
N MET A 17 -7.68 0.61 29.97
CA MET A 17 -8.50 -0.55 30.27
C MET A 17 -9.77 0.07 30.85
N ILE A 18 -10.91 -0.25 30.25
CA ILE A 18 -12.21 0.42 30.61
C ILE A 18 -13.13 -0.64 31.18
N ASN A 19 -13.67 -0.33 32.38
CA ASN A 19 -14.69 -1.21 32.95
C ASN A 19 -16.03 -0.65 32.49
N VAL A 20 -16.75 -1.37 31.64
CA VAL A 20 -17.83 -0.67 30.93
C VAL A 20 -19.09 -0.34 31.81
N THR A 21 -19.24 -1.11 32.84
CA THR A 21 -20.35 -0.90 33.82
C THR A 21 -20.13 0.28 34.68
N SER A 22 -18.93 0.35 35.31
CA SER A 22 -18.66 1.47 36.21
C SER A 22 -18.24 2.69 35.46
N GLY A 23 -17.77 2.55 34.21
CA GLY A 23 -17.31 3.73 33.51
C GLY A 23 -15.85 4.03 33.78
N GLU A 24 -15.23 3.29 34.72
CA GLU A 24 -13.88 3.62 35.16
C GLU A 24 -12.87 3.31 34.04
N GLU A 25 -11.84 4.16 33.96
CA GLU A 25 -10.79 4.02 32.91
C GLU A 25 -9.45 4.17 33.63
N THR A 26 -8.50 3.35 33.26
CA THR A 26 -7.16 3.45 33.86
C THR A 26 -6.19 3.27 32.65
N PRO A 27 -5.21 4.14 32.58
CA PRO A 27 -4.17 3.96 31.52
C PRO A 27 -3.33 2.77 31.99
N ILE A 28 -2.95 1.87 31.10
CA ILE A 28 -2.03 0.83 31.53
C ILE A 28 -0.73 0.88 30.73
N HIS A 29 0.34 0.39 31.36
CA HIS A 29 1.60 0.25 30.63
C HIS A 29 1.89 -1.19 30.60
N LEU A 30 2.44 -1.66 29.51
CA LEU A 30 2.70 -3.10 29.43
C LEU A 30 4.20 -3.27 29.67
N PHE A 31 4.57 -3.86 30.79
CA PHE A 31 5.99 -4.24 31.05
C PHE A 31 6.01 -5.73 30.83
N GLY A 32 6.38 -6.07 29.63
CA GLY A 32 6.15 -7.45 29.14
C GLY A 32 7.35 -8.29 28.88
N VAL A 33 7.07 -9.62 28.77
CA VAL A 33 8.06 -10.59 28.36
C VAL A 33 7.36 -11.53 27.42
N ASN A 34 8.12 -12.04 26.48
CA ASN A 34 7.71 -13.17 25.57
C ASN A 34 8.07 -14.48 26.26
N TRP A 35 7.08 -15.36 26.42
CA TRP A 35 7.38 -16.75 26.89
C TRP A 35 6.94 -17.63 25.74
N PHE A 36 7.94 -18.14 24.99
CA PHE A 36 7.60 -18.88 23.76
C PHE A 36 7.64 -20.37 23.95
N GLY A 37 7.00 -21.09 23.01
CA GLY A 37 6.96 -22.52 23.09
C GLY A 37 5.72 -23.05 22.41
N PHE A 38 4.58 -22.37 22.59
CA PHE A 38 3.31 -22.80 21.89
C PHE A 38 3.41 -22.78 20.38
N GLU A 39 4.40 -22.12 19.83
CA GLU A 39 4.55 -21.97 18.39
C GLU A 39 5.55 -23.00 17.87
N THR A 40 6.01 -23.88 18.77
CA THR A 40 7.12 -24.77 18.42
C THR A 40 6.60 -26.21 18.44
N PRO A 41 7.48 -27.14 17.97
CA PRO A 41 7.08 -28.58 18.00
C PRO A 41 6.80 -29.11 19.41
N ASN A 42 7.28 -28.42 20.46
CA ASN A 42 6.84 -28.74 21.80
C ASN A 42 5.36 -28.51 22.07
N HIS A 43 4.75 -27.56 21.36
CA HIS A 43 3.35 -27.27 21.59
C HIS A 43 3.06 -26.88 23.02
N VAL A 44 4.03 -26.25 23.65
CA VAL A 44 3.82 -25.75 25.02
C VAL A 44 4.89 -24.74 25.28
N VAL A 45 4.61 -23.73 26.12
CA VAL A 45 5.75 -22.89 26.55
C VAL A 45 6.94 -23.73 27.03
N HIS A 46 8.14 -23.30 26.69
CA HIS A 46 9.40 -24.02 27.05
C HIS A 46 9.73 -23.88 28.51
N GLY A 47 10.57 -24.82 28.98
CA GLY A 47 11.06 -24.77 30.36
C GLY A 47 10.37 -25.66 31.36
N LEU A 48 9.22 -26.25 31.00
CA LEU A 48 8.53 -27.08 31.94
C LEU A 48 9.23 -28.45 32.11
N TRP A 49 10.32 -28.66 31.39
CA TRP A 49 11.16 -29.82 31.77
C TRP A 49 12.03 -29.50 32.95
N LYS A 50 12.11 -28.22 33.40
CA LYS A 50 13.00 -27.85 34.50
C LYS A 50 12.19 -27.17 35.62
N ARG A 51 11.04 -26.57 35.28
CA ARG A 51 10.30 -25.76 36.24
C ARG A 51 8.83 -26.08 36.22
N ASN A 52 8.21 -25.77 37.35
CA ASN A 52 6.79 -25.72 37.47
C ASN A 52 6.21 -24.49 36.74
N TRP A 53 5.14 -24.68 35.99
CA TRP A 53 4.54 -23.55 35.19
C TRP A 53 4.06 -22.39 36.06
N GLU A 54 3.47 -22.70 37.22
CA GLU A 54 2.98 -21.61 38.05
C GLU A 54 4.14 -20.86 38.69
N ASP A 55 5.14 -21.57 39.16
CA ASP A 55 6.36 -20.96 39.74
C ASP A 55 6.98 -20.01 38.72
N MET A 56 6.95 -20.41 37.44
CA MET A 56 7.45 -19.50 36.41
C MET A 56 6.69 -18.18 36.38
N LEU A 57 5.35 -18.24 36.38
CA LEU A 57 4.56 -17.03 36.33
C LEU A 57 4.80 -16.19 37.60
N LEU A 58 4.97 -16.85 38.77
CA LEU A 58 5.27 -16.09 39.97
C LEU A 58 6.61 -15.40 39.80
N GLN A 59 7.56 -16.09 39.21
CA GLN A 59 8.90 -15.47 39.05
C GLN A 59 8.79 -14.28 38.13
N ILE A 60 8.05 -14.44 37.05
CA ILE A 60 7.87 -13.29 36.10
C ILE A 60 7.25 -12.07 36.83
N LYS A 61 6.20 -12.35 37.61
CA LYS A 61 5.56 -11.28 38.39
C LYS A 61 6.50 -10.70 39.42
N SER A 62 7.26 -11.53 40.12
CA SER A 62 8.23 -11.03 41.14
C SER A 62 9.25 -9.98 40.61
N LEU A 63 9.50 -9.96 39.29
CA LEU A 63 10.44 -9.08 38.69
C LEU A 63 9.79 -7.81 38.13
N GLY A 64 8.51 -7.66 38.37
CA GLY A 64 7.72 -6.41 38.01
C GLY A 64 7.06 -6.45 36.65
N PHE A 65 7.16 -7.55 35.88
CA PHE A 65 6.42 -7.65 34.64
C PHE A 65 4.93 -7.74 34.94
N ASN A 66 4.14 -7.13 34.07
CA ASN A 66 2.65 -7.26 34.20
C ASN A 66 2.04 -7.68 32.87
N ALA A 67 2.86 -8.21 31.94
CA ALA A 67 2.32 -8.56 30.64
C ALA A 67 3.16 -9.69 30.06
N ILE A 68 2.49 -10.58 29.34
CA ILE A 68 3.18 -11.70 28.62
C ILE A 68 2.68 -11.73 27.22
N ARG A 69 3.59 -11.76 26.27
CA ARG A 69 3.22 -12.06 24.90
C ARG A 69 3.42 -13.54 24.67
N LEU A 70 2.36 -14.21 24.18
CA LEU A 70 2.29 -15.66 24.10
C LEU A 70 2.23 -16.10 22.60
N PRO A 71 3.36 -16.50 22.01
CA PRO A 71 3.39 -16.94 20.62
C PRO A 71 2.66 -18.25 20.52
N PHE A 72 1.93 -18.47 19.42
CA PHE A 72 1.25 -19.79 19.24
C PHE A 72 1.37 -20.18 17.74
N CYS A 73 1.20 -21.48 17.42
CA CYS A 73 1.03 -21.87 16.01
C CYS A 73 -0.33 -22.51 15.86
N THR A 74 -0.73 -22.72 14.60
CA THR A 74 -2.09 -23.18 14.37
C THR A 74 -2.40 -24.43 15.15
N GLU A 75 -1.46 -25.36 15.16
CA GLU A 75 -1.75 -26.64 15.78
C GLU A 75 -1.95 -26.52 17.30
N SER A 76 -1.22 -25.61 17.97
CA SER A 76 -1.37 -25.56 19.39
C SER A 76 -2.71 -25.11 19.86
N VAL A 77 -3.42 -24.40 19.00
CA VAL A 77 -4.73 -23.96 19.39
C VAL A 77 -5.86 -24.91 18.95
N LYS A 78 -5.54 -26.10 18.46
CA LYS A 78 -6.60 -27.06 18.14
C LYS A 78 -6.70 -28.08 19.22
N PRO A 79 -7.93 -28.46 19.59
CA PRO A 79 -8.11 -29.50 20.60
C PRO A 79 -7.37 -30.73 20.20
N GLY A 80 -6.90 -31.47 21.19
CA GLY A 80 -6.13 -32.69 20.99
C GLY A 80 -4.67 -32.63 20.63
N THR A 81 -4.06 -31.44 20.55
CA THR A 81 -2.65 -31.41 20.20
C THR A 81 -1.86 -31.71 21.47
N GLN A 82 -0.89 -32.62 21.37
CA GLN A 82 -0.17 -33.10 22.55
C GLN A 82 1.09 -32.30 22.78
N PRO A 83 1.26 -31.79 24.01
CA PRO A 83 2.57 -31.10 24.23
C PRO A 83 3.67 -32.14 24.45
N ILE A 84 4.91 -31.80 24.08
CA ILE A 84 6.17 -32.55 24.32
C ILE A 84 7.16 -31.78 25.23
N GLY A 85 7.78 -32.47 26.19
CA GLY A 85 8.92 -31.86 26.93
C GLY A 85 8.43 -31.23 28.22
N ILE A 86 7.47 -31.89 28.83
CA ILE A 86 7.02 -31.49 30.16
C ILE A 86 7.51 -32.47 31.21
N ASP A 87 8.13 -31.97 32.29
CA ASP A 87 8.36 -32.84 33.49
C ASP A 87 7.11 -32.88 34.36
N TYR A 88 6.33 -33.99 34.25
CA TYR A 88 5.08 -34.11 35.04
C TYR A 88 5.20 -34.26 36.56
N SER A 89 6.37 -34.65 37.05
CA SER A 89 6.62 -34.62 38.50
C SER A 89 6.62 -33.17 39.05
N LYS A 90 7.14 -32.23 38.24
CA LYS A 90 7.21 -30.77 38.53
C LYS A 90 5.89 -30.08 38.17
N ASN A 91 5.15 -30.67 37.23
CA ASN A 91 3.85 -30.17 36.75
C ASN A 91 2.72 -31.17 36.81
N PRO A 92 2.39 -31.69 38.01
CA PRO A 92 1.33 -32.75 38.07
C PRO A 92 -0.05 -32.28 37.64
N ASP A 93 -0.38 -31.00 37.80
CA ASP A 93 -1.69 -30.58 37.35
C ASP A 93 -1.80 -30.45 35.83
N LEU A 94 -0.73 -30.70 35.10
CA LEU A 94 -0.80 -30.62 33.64
C LEU A 94 -0.96 -32.04 32.98
N ARG A 95 -0.83 -33.11 33.78
CA ARG A 95 -1.10 -34.48 33.22
C ARG A 95 -2.49 -34.53 32.56
N GLY A 96 -2.54 -35.04 31.33
CA GLY A 96 -3.83 -35.23 30.64
C GLY A 96 -4.29 -34.08 29.76
N LEU A 97 -3.63 -32.92 29.90
CA LEU A 97 -4.14 -31.72 29.23
C LEU A 97 -3.54 -31.64 27.86
N ASP A 98 -4.30 -31.12 26.91
CA ASP A 98 -3.70 -30.98 25.61
C ASP A 98 -3.19 -29.50 25.61
N SER A 99 -2.58 -29.09 24.50
CA SER A 99 -1.87 -27.77 24.33
C SER A 99 -2.84 -26.60 24.60
N LEU A 100 -4.08 -26.73 24.16
CA LEU A 100 -5.04 -25.67 24.33
C LEU A 100 -5.42 -25.50 25.79
N GLN A 101 -5.55 -26.61 26.54
CA GLN A 101 -5.98 -26.47 27.89
C GLN A 101 -4.83 -25.89 28.72
N ILE A 102 -3.60 -26.20 28.35
CA ILE A 102 -2.46 -25.58 29.11
C ILE A 102 -2.41 -24.08 28.80
N MET A 103 -2.60 -23.71 27.52
CA MET A 103 -2.76 -22.27 27.20
C MET A 103 -3.81 -21.59 28.05
N GLU A 104 -4.98 -22.19 28.17
CA GLU A 104 -6.03 -21.62 29.04
C GLU A 104 -5.65 -21.50 30.54
N LYS A 105 -5.02 -22.53 31.06
CA LYS A 105 -4.66 -22.55 32.45
C LYS A 105 -3.61 -21.41 32.73
N ILE A 106 -2.69 -21.25 31.78
CA ILE A 106 -1.60 -20.23 31.95
C ILE A 106 -2.20 -18.82 31.86
N ILE A 107 -3.07 -18.61 30.88
CA ILE A 107 -3.76 -17.28 30.80
C ILE A 107 -4.60 -16.99 32.06
N LYS A 108 -5.32 -18.01 32.59
CA LYS A 108 -6.21 -17.75 33.75
C LYS A 108 -5.32 -17.40 34.97
N LYS A 109 -4.25 -18.17 35.17
CA LYS A 109 -3.31 -17.88 36.26
C LYS A 109 -2.65 -16.49 36.11
N ALA A 110 -2.18 -16.17 34.90
CA ALA A 110 -1.65 -14.80 34.65
C ALA A 110 -2.69 -13.79 35.05
N GLY A 111 -3.95 -13.96 34.64
CA GLY A 111 -4.98 -12.94 35.01
C GLY A 111 -5.15 -12.81 36.52
N ASP A 112 -5.03 -13.93 37.24
CA ASP A 112 -5.11 -13.92 38.71
C ASP A 112 -3.98 -13.08 39.35
N LEU A 113 -2.88 -12.96 38.64
CA LEU A 113 -1.72 -12.16 39.08
C LEU A 113 -1.78 -10.74 38.46
N GLY A 114 -2.87 -10.40 37.80
CA GLY A 114 -2.97 -9.08 37.16
C GLY A 114 -2.12 -8.92 35.88
N ILE A 115 -1.71 -10.04 35.30
CA ILE A 115 -0.85 -10.01 34.10
C ILE A 115 -1.69 -10.08 32.82
N PHE A 116 -1.52 -9.07 32.03
CA PHE A 116 -2.18 -8.98 30.67
C PHE A 116 -1.49 -9.91 29.70
N VAL A 117 -2.28 -10.49 28.75
CA VAL A 117 -1.73 -11.49 27.81
C VAL A 117 -2.01 -10.97 26.39
N LEU A 118 -0.96 -10.96 25.59
CA LEU A 118 -1.15 -10.62 24.15
C LEU A 118 -0.94 -11.91 23.37
N LEU A 119 -1.93 -12.32 22.59
CA LEU A 119 -1.80 -13.57 21.81
C LEU A 119 -1.16 -13.24 20.47
N ASP A 120 -0.14 -14.04 20.08
CA ASP A 120 0.67 -13.71 18.93
C ASP A 120 0.63 -14.93 17.98
N TYR A 121 0.01 -14.77 16.82
CA TYR A 121 -0.01 -15.90 15.82
C TYR A 121 1.36 -15.88 15.12
N HIS A 122 2.24 -16.69 15.71
CA HIS A 122 3.68 -16.54 15.46
C HIS A 122 4.14 -17.29 14.23
N ARG A 123 3.53 -18.47 14.03
CA ARG A 123 3.91 -19.34 12.89
C ARG A 123 2.62 -20.01 12.48
N ILE A 124 2.49 -20.23 11.18
CA ILE A 124 1.35 -21.02 10.66
C ILE A 124 1.62 -22.52 10.88
N GLY A 125 2.80 -22.99 10.46
CA GLY A 125 3.24 -24.35 10.87
C GLY A 125 3.91 -24.24 12.27
N CYS A 126 4.67 -25.23 12.68
CA CYS A 126 5.29 -25.14 14.02
C CYS A 126 6.78 -25.16 13.97
N THR A 127 7.31 -24.73 12.82
CA THR A 127 8.77 -24.79 12.55
C THR A 127 9.53 -23.53 12.30
N HIS A 128 8.95 -22.54 11.59
CA HIS A 128 9.64 -21.31 11.27
C HIS A 128 8.59 -20.22 10.98
N ILE A 129 9.04 -18.97 10.95
CA ILE A 129 8.15 -17.84 10.74
C ILE A 129 8.00 -17.72 9.22
N GLU A 130 6.81 -17.96 8.68
CA GLU A 130 6.59 -17.71 7.23
C GLU A 130 6.63 -16.21 6.91
N PRO A 131 7.05 -15.86 5.72
CA PRO A 131 7.20 -14.46 5.37
C PRO A 131 5.76 -13.77 5.21
N LEU A 132 4.73 -14.56 4.86
CA LEU A 132 3.38 -14.08 4.60
C LEU A 132 2.41 -14.78 5.54
N TRP A 133 1.14 -14.35 5.58
CA TRP A 133 0.16 -14.89 6.45
C TRP A 133 -0.64 -16.01 5.74
N TYR A 134 0.03 -16.69 4.82
CA TYR A 134 -0.58 -17.88 4.25
C TYR A 134 0.56 -18.70 3.60
N THR A 135 0.26 -19.96 3.23
CA THR A 135 1.23 -20.81 2.55
C THR A 135 0.50 -21.57 1.45
N GLU A 136 1.22 -22.43 0.75
CA GLU A 136 0.61 -23.15 -0.35
C GLU A 136 -0.51 -24.03 0.15
N ASP A 137 -0.37 -24.57 1.33
CA ASP A 137 -1.43 -25.37 1.89
C ASP A 137 -2.31 -24.69 2.92
N PHE A 138 -2.18 -23.38 3.15
CA PHE A 138 -2.96 -22.81 4.23
C PHE A 138 -3.29 -21.41 3.77
N SER A 139 -4.57 -21.18 3.47
CA SER A 139 -4.92 -19.96 2.73
C SER A 139 -5.13 -18.83 3.73
N GLU A 140 -5.19 -17.62 3.22
CA GLU A 140 -5.63 -16.48 4.06
C GLU A 140 -6.97 -16.69 4.75
N GLU A 141 -7.91 -17.40 4.09
CA GLU A 141 -9.15 -17.67 4.77
C GLU A 141 -8.98 -18.59 5.98
N ASP A 142 -8.09 -19.58 5.85
CA ASP A 142 -7.77 -20.50 6.92
C ASP A 142 -7.08 -19.69 8.08
N PHE A 143 -6.26 -18.72 7.70
CA PHE A 143 -5.55 -17.91 8.74
C PHE A 143 -6.62 -17.13 9.49
N ILE A 144 -7.49 -16.47 8.75
CA ILE A 144 -8.55 -15.66 9.39
C ILE A 144 -9.48 -16.49 10.25
N ASN A 145 -9.89 -17.63 9.70
CA ASN A 145 -10.76 -18.46 10.48
C ASN A 145 -10.14 -18.95 11.80
N THR A 146 -8.84 -19.22 11.77
CA THR A 146 -8.17 -19.62 12.95
C THR A 146 -8.21 -18.44 13.97
N TRP A 147 -7.89 -17.21 13.52
CA TRP A 147 -8.01 -16.05 14.43
C TRP A 147 -9.40 -15.90 14.98
N ILE A 148 -10.41 -16.11 14.12
CA ILE A 148 -11.80 -15.98 14.60
C ILE A 148 -12.06 -16.97 15.76
N GLU A 149 -11.66 -18.24 15.59
CA GLU A 149 -11.79 -19.26 16.58
C GLU A 149 -11.03 -18.93 17.89
N VAL A 150 -9.85 -18.37 17.72
CA VAL A 150 -9.03 -17.98 18.89
C VAL A 150 -9.70 -16.82 19.64
N ALA A 151 -10.17 -15.85 18.88
CA ALA A 151 -10.85 -14.72 19.48
C ALA A 151 -12.18 -15.14 20.17
N LYS A 152 -13.02 -15.97 19.51
CA LYS A 152 -14.16 -16.57 20.26
C LYS A 152 -13.76 -17.25 21.59
N ARG A 153 -12.71 -18.05 21.60
CA ARG A 153 -12.38 -18.76 22.80
C ARG A 153 -11.73 -17.84 23.86
N PHE A 154 -10.67 -17.17 23.45
CA PHE A 154 -9.91 -16.37 24.43
C PHE A 154 -10.44 -14.95 24.69
N GLY A 155 -11.40 -14.49 23.92
CA GLY A 155 -11.99 -13.20 24.25
C GLY A 155 -12.77 -13.23 25.57
N LYS A 156 -13.06 -14.41 26.11
CA LYS A 156 -13.75 -14.49 27.40
C LYS A 156 -12.81 -14.33 28.61
N TYR A 157 -11.47 -14.21 28.39
CA TYR A 157 -10.55 -14.07 29.51
C TYR A 157 -10.28 -12.58 29.67
N TRP A 158 -10.56 -12.01 30.84
CA TRP A 158 -10.57 -10.56 30.91
C TRP A 158 -9.20 -9.93 30.55
N ASN A 159 -8.14 -10.63 30.94
CA ASN A 159 -6.76 -10.15 30.82
C ASN A 159 -6.15 -10.25 29.43
N VAL A 160 -6.84 -10.89 28.47
CA VAL A 160 -6.28 -10.93 27.11
C VAL A 160 -6.56 -9.59 26.45
N ILE A 161 -5.50 -8.86 26.07
CA ILE A 161 -5.73 -7.51 25.56
C ILE A 161 -5.97 -7.47 24.07
N GLY A 162 -5.61 -8.55 23.38
CA GLY A 162 -5.83 -8.57 21.93
C GLY A 162 -4.88 -9.49 21.19
N ALA A 163 -4.75 -9.14 19.91
CA ALA A 163 -4.25 -10.03 18.87
C ALA A 163 -3.10 -9.36 18.15
N ASP A 164 -1.92 -9.99 18.21
CA ASP A 164 -0.82 -9.58 17.37
C ASP A 164 -0.95 -10.43 16.09
N LEU A 165 -1.36 -9.75 15.02
CA LEU A 165 -2.04 -10.51 13.91
C LEU A 165 -1.18 -11.61 13.24
N LYS A 166 0.06 -11.25 12.93
CA LYS A 166 1.05 -12.24 12.40
C LYS A 166 2.43 -11.82 12.81
N ASN A 167 3.18 -12.75 13.40
CA ASN A 167 4.55 -12.38 13.80
C ASN A 167 5.51 -12.12 12.57
N GLU A 168 6.23 -10.98 12.55
CA GLU A 168 7.34 -10.70 11.62
C GLU A 168 6.97 -11.04 10.17
N PRO A 169 5.99 -10.29 9.64
CA PRO A 169 6.00 -10.26 8.15
C PRO A 169 7.40 -9.89 7.62
N HIS A 170 7.89 -10.55 6.51
CA HIS A 170 9.24 -10.21 6.09
C HIS A 170 9.41 -10.75 4.67
N SER A 171 10.64 -10.61 4.19
CA SER A 171 10.99 -11.02 2.82
C SER A 171 11.98 -12.18 2.83
N VAL A 172 12.02 -12.90 1.70
CA VAL A 172 12.92 -14.07 1.65
C VAL A 172 13.83 -13.92 0.41
N THR A 173 13.76 -12.77 -0.24
CA THR A 173 14.59 -12.37 -1.39
C THR A 173 14.96 -10.94 -1.20
N SER A 174 15.97 -10.49 -1.93
CA SER A 174 16.37 -9.09 -1.86
C SER A 174 15.45 -8.21 -2.69
N PRO A 175 15.37 -6.94 -2.36
CA PRO A 175 14.86 -5.83 -3.21
C PRO A 175 15.84 -5.62 -4.36
N PRO A 176 15.36 -5.04 -5.49
CA PRO A 176 13.98 -4.62 -5.75
C PRO A 176 13.11 -5.80 -6.05
N ALA A 177 13.69 -6.96 -6.23
CA ALA A 177 12.81 -8.10 -6.47
C ALA A 177 11.73 -8.35 -5.45
N ALA A 178 12.11 -8.42 -4.14
CA ALA A 178 11.19 -8.77 -3.05
C ALA A 178 9.84 -7.98 -3.15
N TYR A 179 9.87 -6.87 -3.83
CA TYR A 179 8.62 -6.05 -3.90
C TYR A 179 7.53 -6.68 -4.72
N THR A 180 7.93 -7.51 -5.68
CA THR A 180 6.98 -7.97 -6.74
C THR A 180 6.94 -9.49 -6.87
N ASP A 181 7.91 -10.17 -6.30
CA ASP A 181 7.99 -11.60 -6.59
C ASP A 181 7.00 -12.47 -5.92
N GLY A 182 6.16 -11.89 -5.02
CA GLY A 182 5.13 -12.69 -4.34
C GLY A 182 5.60 -13.61 -3.25
N THR A 183 6.90 -13.54 -2.94
CA THR A 183 7.41 -14.41 -1.89
C THR A 183 7.37 -13.75 -0.50
N GLY A 184 7.31 -12.42 -0.44
CA GLY A 184 7.36 -11.78 0.88
C GLY A 184 6.34 -10.67 1.04
N ALA A 185 6.27 -10.18 2.26
CA ALA A 185 5.34 -9.14 2.59
C ALA A 185 5.84 -7.81 2.09
N THR A 186 4.88 -6.94 1.73
CA THR A 186 5.19 -5.60 1.30
C THR A 186 4.26 -4.63 2.08
N TRP A 187 4.40 -3.37 1.79
CA TRP A 187 3.50 -2.40 2.47
C TRP A 187 3.44 -1.22 1.58
N GLY A 188 2.28 -0.99 0.97
CA GLY A 188 2.12 0.17 0.07
C GLY A 188 2.55 -0.12 -1.39
N MET A 189 2.91 -1.38 -1.70
CA MET A 189 3.33 -1.79 -3.08
C MET A 189 2.06 -1.87 -3.98
N GLY A 190 0.92 -2.29 -3.42
CA GLY A 190 -0.33 -2.19 -4.13
C GLY A 190 -1.04 -3.50 -4.13
N ASN A 191 -0.30 -4.61 -4.31
CA ASN A 191 -0.95 -5.94 -4.32
C ASN A 191 -1.49 -6.39 -2.98
N PRO A 192 -2.80 -6.55 -2.85
CA PRO A 192 -3.35 -6.83 -1.55
C PRO A 192 -2.98 -8.22 -1.11
N ALA A 193 -2.48 -9.08 -2.02
CA ALA A 193 -2.04 -10.38 -1.57
C ALA A 193 -0.60 -10.37 -0.96
N THR A 194 0.11 -9.27 -1.08
CA THR A 194 1.40 -9.16 -0.40
C THR A 194 1.39 -8.02 0.61
N ASP A 195 0.53 -7.00 0.40
CA ASP A 195 0.64 -5.72 1.18
C ASP A 195 0.07 -6.00 2.60
N TRP A 196 1.00 -6.07 3.57
CA TRP A 196 0.59 -6.33 4.97
C TRP A 196 -0.35 -5.21 5.44
N ASN A 197 -0.17 -3.99 4.96
CA ASN A 197 -1.13 -2.95 5.45
C ASN A 197 -2.62 -3.23 5.05
N LEU A 198 -2.79 -3.94 3.94
CA LEU A 198 -4.17 -4.33 3.52
C LEU A 198 -4.61 -5.58 4.16
N ALA A 199 -3.71 -6.57 4.26
CA ALA A 199 -4.05 -7.80 4.94
C ALA A 199 -4.43 -7.57 6.41
N ALA A 200 -3.69 -6.69 7.08
CA ALA A 200 -3.93 -6.37 8.56
C ALA A 200 -5.37 -5.84 8.70
N GLU A 201 -5.84 -5.03 7.74
CA GLU A 201 -7.21 -4.55 7.76
C GLU A 201 -8.20 -5.70 7.64
N ARG A 202 -7.92 -6.62 6.71
CA ARG A 202 -8.84 -7.75 6.51
C ARG A 202 -8.92 -8.64 7.71
N ILE A 203 -7.74 -8.95 8.26
CA ILE A 203 -7.71 -9.90 9.41
C ILE A 203 -8.28 -9.20 10.69
N GLY A 204 -7.92 -7.92 10.85
CA GLY A 204 -8.25 -7.12 12.06
C GLY A 204 -9.76 -6.95 12.11
N LYS A 205 -10.36 -6.68 10.96
CA LYS A 205 -11.82 -6.47 10.92
C LYS A 205 -12.56 -7.68 11.35
N ALA A 206 -12.10 -8.86 10.89
CA ALA A 206 -12.72 -10.09 11.27
C ALA A 206 -12.64 -10.38 12.77
N ILE A 207 -11.48 -10.08 13.38
CA ILE A 207 -11.30 -10.29 14.81
C ILE A 207 -12.23 -9.34 15.58
N LEU A 208 -12.31 -8.11 15.13
CA LEU A 208 -13.05 -7.10 15.89
C LEU A 208 -14.56 -7.34 15.81
N LYS A 209 -14.99 -8.06 14.81
CA LYS A 209 -16.40 -8.54 14.78
C LYS A 209 -16.67 -9.52 15.91
N VAL A 210 -15.74 -10.41 16.24
CA VAL A 210 -16.01 -11.35 17.33
C VAL A 210 -15.43 -10.97 18.72
N ALA A 211 -14.42 -10.11 18.73
CA ALA A 211 -13.82 -9.64 20.01
C ALA A 211 -13.68 -8.11 19.88
N PRO A 212 -14.84 -7.35 19.94
CA PRO A 212 -14.75 -5.93 19.68
C PRO A 212 -13.99 -5.19 20.75
N HIS A 213 -13.73 -5.84 21.89
CA HIS A 213 -13.10 -5.22 23.10
C HIS A 213 -11.57 -5.38 23.01
N TRP A 214 -11.10 -6.13 22.02
CA TRP A 214 -9.64 -6.37 21.82
C TRP A 214 -8.95 -5.23 21.15
N LEU A 215 -7.61 -5.19 21.35
CA LEU A 215 -6.76 -4.30 20.52
C LEU A 215 -6.20 -5.15 19.35
N ILE A 216 -5.83 -4.47 18.26
CA ILE A 216 -5.22 -5.19 17.09
C ILE A 216 -3.79 -4.66 17.01
N PHE A 217 -2.81 -5.55 17.28
CA PHE A 217 -1.39 -5.21 17.21
C PHE A 217 -0.88 -5.59 15.80
N VAL A 218 -0.36 -4.63 15.11
CA VAL A 218 0.12 -4.75 13.72
C VAL A 218 1.63 -4.41 13.69
N GLU A 219 2.41 -5.42 13.31
CA GLU A 219 3.89 -5.32 13.25
C GLU A 219 4.25 -4.65 11.92
N GLY A 220 5.53 -4.26 11.79
CA GLY A 220 6.07 -3.73 10.53
C GLY A 220 6.33 -4.91 9.60
N THR A 221 6.80 -4.59 8.41
CA THR A 221 7.28 -5.64 7.44
C THR A 221 8.80 -5.52 7.53
N GLN A 222 9.50 -6.18 6.62
CA GLN A 222 10.98 -5.92 6.51
C GLN A 222 11.24 -4.86 5.43
N PHE A 223 10.60 -5.05 4.25
CA PHE A 223 10.61 -4.03 3.19
C PHE A 223 9.14 -3.56 2.90
N THR A 224 9.00 -2.37 2.40
CA THR A 224 7.66 -1.84 2.24
C THR A 224 7.33 -1.67 0.73
N ASN A 225 7.82 -0.58 0.22
CA ASN A 225 7.86 -0.32 -1.25
C ASN A 225 9.10 0.48 -1.58
N PRO A 226 9.51 0.51 -2.87
CA PRO A 226 10.84 1.10 -3.11
C PRO A 226 10.89 2.59 -2.85
N LYS A 227 9.77 3.30 -3.03
CA LYS A 227 9.84 4.67 -2.82
C LYS A 227 10.03 5.01 -1.31
N THR A 228 9.31 4.23 -0.46
CA THR A 228 9.44 4.50 1.00
C THR A 228 10.85 4.04 1.44
N ASP A 229 11.20 2.81 1.11
CA ASP A 229 12.52 2.25 1.62
C ASP A 229 13.70 3.13 1.10
N SER A 230 13.61 3.63 -0.13
CA SER A 230 14.70 4.46 -0.66
C SER A 230 14.70 5.81 -0.05
N SER A 231 13.64 6.17 0.64
CA SER A 231 13.59 7.55 1.17
C SER A 231 14.55 7.81 2.36
N TYR A 232 15.15 6.76 2.92
CA TYR A 232 15.96 6.88 4.13
C TYR A 232 17.21 6.03 3.91
N LYS A 233 18.37 6.57 4.33
CA LYS A 233 19.67 5.85 4.21
C LYS A 233 19.69 4.44 4.74
N TRP A 234 18.99 4.17 5.88
CA TRP A 234 18.91 2.82 6.39
C TRP A 234 17.60 2.19 6.15
N GLY A 235 16.95 2.58 5.05
CA GLY A 235 15.65 2.01 4.75
C GLY A 235 15.60 0.58 4.38
N TYR A 236 16.74 0.00 3.95
CA TYR A 236 16.78 -1.42 3.62
C TYR A 236 17.38 -2.24 4.76
N ASN A 237 17.62 -1.61 5.88
CA ASN A 237 18.17 -2.38 7.06
C ASN A 237 17.33 -2.42 8.33
N ALA A 238 16.00 -2.43 8.16
CA ALA A 238 15.07 -2.70 9.30
C ALA A 238 14.94 -4.19 9.52
N TRP A 239 14.56 -4.57 10.72
CA TRP A 239 14.29 -5.97 11.08
C TRP A 239 13.03 -6.51 10.52
N TRP A 240 12.93 -7.84 10.51
CA TRP A 240 11.61 -8.47 10.24
C TRP A 240 10.61 -7.91 11.29
N GLY A 241 9.37 -7.59 10.86
CA GLY A 241 8.42 -6.96 11.78
C GLY A 241 8.80 -5.56 12.18
N GLY A 242 9.87 -5.01 11.65
CA GLY A 242 10.40 -3.71 12.17
C GLY A 242 10.41 -2.46 11.32
N ASN A 243 9.87 -2.63 10.12
CA ASN A 243 9.85 -1.50 9.21
C ASN A 243 8.42 -0.91 9.27
N LEU A 244 8.27 0.26 9.93
CA LEU A 244 6.97 0.92 10.00
C LEU A 244 7.07 2.30 9.23
N MET A 245 8.07 2.42 8.34
CA MET A 245 8.25 3.61 7.57
C MET A 245 7.07 3.93 6.65
N ALA A 246 6.32 2.91 6.28
CA ALA A 246 5.14 3.16 5.37
C ALA A 246 3.86 3.50 6.10
N VAL A 247 3.89 3.57 7.43
CA VAL A 247 2.65 4.01 8.18
C VAL A 247 2.23 5.43 7.81
N LYS A 248 3.14 6.36 7.60
CA LYS A 248 2.73 7.75 7.41
C LYS A 248 1.89 7.95 6.10
N ASP A 249 2.30 7.34 5.02
CA ASP A 249 1.57 7.53 3.72
C ASP A 249 0.62 6.36 3.45
N TYR A 250 0.83 5.24 4.14
CA TYR A 250 -0.02 4.05 3.96
C TYR A 250 -0.53 3.50 5.29
N PRO A 251 -1.30 4.33 6.02
CA PRO A 251 -1.76 3.81 7.32
C PRO A 251 -2.74 2.63 7.20
N VAL A 252 -2.71 1.68 8.17
CA VAL A 252 -3.66 0.55 8.17
C VAL A 252 -5.08 1.14 8.37
N ASN A 253 -6.02 0.75 7.52
CA ASN A 253 -7.37 1.33 7.61
C ASN A 253 -8.19 0.57 8.63
N LEU A 254 -7.88 0.88 9.89
CA LEU A 254 -8.68 0.34 11.05
C LEU A 254 -8.91 1.50 12.02
N PRO A 255 -9.93 1.37 12.89
CA PRO A 255 -10.19 2.47 13.92
C PRO A 255 -8.92 2.73 14.78
N LYS A 256 -8.48 3.98 14.88
CA LYS A 256 -7.21 4.41 15.58
C LYS A 256 -7.37 3.93 17.06
N ASN A 257 -8.60 3.93 17.60
CA ASN A 257 -8.77 3.61 19.03
C ASN A 257 -8.67 2.09 19.32
N LYS A 258 -8.53 1.28 18.25
CA LYS A 258 -8.33 -0.13 18.38
C LYS A 258 -6.94 -0.63 17.92
N LEU A 259 -6.14 0.27 17.39
CA LEU A 259 -4.90 -0.16 16.66
C LEU A 259 -3.67 0.13 17.45
N VAL A 260 -2.76 -0.87 17.52
CA VAL A 260 -1.46 -0.62 18.10
C VAL A 260 -0.40 -1.06 17.05
N TYR A 261 0.55 -0.15 16.75
CA TYR A 261 1.65 -0.54 15.87
C TYR A 261 2.75 -1.12 16.75
N SER A 262 3.24 -2.30 16.30
CA SER A 262 4.14 -3.11 17.18
C SER A 262 5.45 -3.49 16.46
N PRO A 263 6.40 -2.60 16.44
CA PRO A 263 7.68 -2.91 15.73
C PRO A 263 8.56 -3.90 16.59
N HIS A 264 9.43 -4.68 15.88
CA HIS A 264 10.43 -5.45 16.58
C HIS A 264 11.74 -4.79 16.32
N VAL A 265 12.66 -4.79 17.29
CA VAL A 265 13.95 -4.06 17.09
C VAL A 265 15.02 -4.83 17.85
N TYR A 266 16.18 -5.04 17.19
CA TYR A 266 17.23 -5.90 17.77
C TYR A 266 18.59 -5.29 17.62
N GLY A 267 19.57 -5.95 18.28
CA GLY A 267 20.92 -5.41 18.34
C GLY A 267 21.87 -6.35 17.62
N PRO A 268 23.15 -6.24 17.95
CA PRO A 268 24.17 -6.94 17.09
C PRO A 268 24.15 -8.46 17.22
N ASP A 269 23.55 -8.97 18.31
CA ASP A 269 23.42 -10.39 18.46
C ASP A 269 22.55 -11.06 17.42
N VAL A 270 21.64 -10.28 16.79
CA VAL A 270 20.73 -10.88 15.84
C VAL A 270 21.28 -10.73 14.42
N TYR A 271 21.88 -9.59 14.17
CA TYR A 271 22.49 -9.29 12.86
C TYR A 271 23.44 -8.17 13.01
N ASN A 272 24.64 -8.36 12.42
CA ASN A 272 25.65 -7.35 12.36
C ASN A 272 25.36 -6.18 11.39
N GLN A 273 24.38 -5.36 11.79
CA GLN A 273 23.96 -4.26 10.94
C GLN A 273 25.12 -3.35 10.75
N PRO A 274 25.25 -2.80 9.55
CA PRO A 274 26.28 -1.83 9.30
C PRO A 274 26.25 -0.64 10.22
N TYR A 275 25.08 -0.25 10.75
CA TYR A 275 25.07 0.92 11.58
C TYR A 275 25.47 0.58 13.05
N PHE A 276 25.78 -0.68 13.32
CA PHE A 276 26.33 -1.04 14.66
C PHE A 276 27.87 -0.85 14.66
N GLY A 277 28.47 -0.51 13.53
CA GLY A 277 29.86 -0.09 13.58
C GLY A 277 30.12 1.28 14.10
N PRO A 278 31.15 1.45 14.94
CA PRO A 278 31.51 2.77 15.38
C PRO A 278 31.87 3.58 14.17
N ALA A 279 32.32 2.92 13.10
CA ALA A 279 32.72 3.62 11.89
C ALA A 279 31.53 4.37 11.37
N LYS A 280 30.36 3.79 11.60
CA LYS A 280 29.11 4.51 11.20
C LYS A 280 28.40 5.31 12.30
N GLY A 281 29.05 5.55 13.43
CA GLY A 281 28.57 6.46 14.48
C GLY A 281 27.86 5.72 15.63
N PHE A 282 27.95 4.38 15.70
CA PHE A 282 27.41 3.69 16.90
C PHE A 282 28.03 4.13 18.22
N PRO A 283 27.23 4.31 19.28
CA PRO A 283 25.77 4.07 19.30
C PRO A 283 24.95 5.38 19.15
N ASP A 284 25.62 6.53 19.10
CA ASP A 284 24.88 7.78 19.09
C ASP A 284 24.02 8.01 17.82
N ASN A 285 24.27 7.20 16.80
CA ASN A 285 23.45 7.21 15.57
C ASN A 285 22.09 6.46 15.71
N LEU A 286 21.90 5.69 16.82
CA LEU A 286 20.73 4.88 16.90
C LEU A 286 19.39 5.60 17.09
N PRO A 287 19.35 6.69 17.88
CA PRO A 287 18.02 7.33 18.04
C PRO A 287 17.44 7.76 16.70
N ASP A 288 18.25 8.29 15.79
CA ASP A 288 17.66 8.64 14.50
C ASP A 288 17.19 7.45 13.66
N ILE A 289 17.86 6.29 13.80
CA ILE A 289 17.49 5.10 13.06
C ILE A 289 16.19 4.59 13.63
N TRP A 290 16.14 4.42 14.95
CA TRP A 290 14.86 4.03 15.55
C TRP A 290 13.73 4.97 15.20
N TYR A 291 13.99 6.26 15.27
CA TYR A 291 12.97 7.24 15.00
C TYR A 291 12.42 7.07 13.58
N HIS A 292 13.28 6.80 12.61
CA HIS A 292 12.81 6.65 11.23
C HIS A 292 12.13 5.34 10.98
N HIS A 293 12.67 4.22 11.50
CA HIS A 293 12.00 3.00 11.23
C HIS A 293 10.64 2.85 11.92
N PHE A 294 10.50 3.45 13.10
CA PHE A 294 9.25 3.20 13.87
C PHE A 294 8.89 4.32 14.88
N GLY A 295 9.88 4.99 15.47
CA GLY A 295 9.56 5.84 16.63
C GLY A 295 8.67 7.01 16.25
N TYR A 296 8.75 7.44 15.01
CA TYR A 296 7.96 8.65 14.57
C TYR A 296 6.47 8.25 14.57
N VAL A 297 6.17 6.94 14.49
CA VAL A 297 4.80 6.53 14.45
C VAL A 297 4.07 7.00 15.76
N LYS A 298 4.80 6.99 16.88
CA LYS A 298 4.25 7.62 18.11
C LYS A 298 4.61 9.09 18.14
N LEU A 299 5.89 9.46 17.96
CA LEU A 299 6.35 10.82 18.36
C LEU A 299 5.85 11.90 17.39
N GLU A 300 5.65 11.52 16.15
CA GLU A 300 5.08 12.45 15.16
C GLU A 300 3.59 12.12 14.89
N LEU A 301 3.24 10.83 14.69
CA LEU A 301 1.86 10.56 14.21
C LEU A 301 0.89 10.27 15.37
N GLY A 302 1.41 10.08 16.58
CA GLY A 302 0.53 9.95 17.78
C GLY A 302 -0.22 8.63 17.85
N TYR A 303 0.23 7.55 17.17
CA TYR A 303 -0.44 6.28 17.37
C TYR A 303 0.19 5.58 18.56
N SER A 304 -0.51 4.61 19.13
CA SER A 304 0.10 3.70 20.18
C SER A 304 1.20 2.87 19.51
N VAL A 305 2.41 2.89 20.10
CA VAL A 305 3.50 2.03 19.62
C VAL A 305 3.96 1.15 20.76
N VAL A 306 3.89 -0.17 20.60
CA VAL A 306 4.33 -1.11 21.62
C VAL A 306 5.47 -1.95 21.00
N ILE A 307 6.67 -1.89 21.62
CA ILE A 307 7.73 -2.73 21.07
C ILE A 307 7.45 -4.21 21.38
N GLY A 308 7.19 -5.02 20.37
CA GLY A 308 6.70 -6.41 20.54
C GLY A 308 7.82 -7.39 20.83
N GLU A 309 9.01 -7.06 20.37
CA GLU A 309 10.24 -7.86 20.67
C GLU A 309 11.42 -6.97 20.64
N PHE A 310 12.26 -7.12 21.68
CA PHE A 310 13.63 -6.63 21.59
C PHE A 310 14.42 -7.46 22.61
N GLY A 311 15.75 -7.64 22.38
CA GLY A 311 16.52 -8.38 23.36
C GLY A 311 17.86 -8.74 22.73
N GLY A 312 18.66 -9.46 23.50
CA GLY A 312 20.01 -9.71 23.04
C GLY A 312 20.75 -10.35 24.26
N LYS A 313 21.96 -10.90 24.00
CA LYS A 313 22.65 -11.67 25.07
C LYS A 313 23.32 -10.80 26.12
N TYR A 314 23.41 -9.50 25.86
CA TYR A 314 23.87 -8.48 26.85
C TYR A 314 25.32 -8.85 27.29
N GLY A 315 26.13 -9.22 26.30
CA GLY A 315 27.52 -9.53 26.60
C GLY A 315 27.74 -10.96 27.12
N HIS A 316 26.74 -11.81 27.26
CA HIS A 316 26.95 -13.20 27.85
C HIS A 316 26.98 -14.17 26.71
N GLY A 317 28.18 -14.45 26.20
CA GLY A 317 28.35 -15.34 25.05
C GLY A 317 27.97 -14.75 23.73
N GLY A 318 27.84 -13.42 23.63
CA GLY A 318 27.56 -12.83 22.32
C GLY A 318 28.46 -11.60 22.05
N ASP A 319 27.97 -10.72 21.23
CA ASP A 319 28.80 -9.60 20.84
C ASP A 319 28.73 -8.58 22.00
N PRO A 320 29.87 -8.10 22.49
CA PRO A 320 29.69 -7.25 23.71
C PRO A 320 29.11 -5.84 23.40
N ARG A 321 29.05 -5.42 22.12
CA ARG A 321 28.32 -4.18 21.78
C ARG A 321 26.83 -4.28 22.16
N ASP A 322 26.31 -5.49 22.30
CA ASP A 322 24.89 -5.64 22.71
C ASP A 322 24.61 -4.92 24.01
N VAL A 323 25.57 -4.89 24.95
CA VAL A 323 25.34 -4.22 26.23
C VAL A 323 25.08 -2.73 25.96
N ILE A 324 25.93 -2.13 25.14
CA ILE A 324 25.83 -0.71 24.77
C ILE A 324 24.50 -0.52 24.05
N TRP A 325 24.18 -1.42 23.11
CA TRP A 325 22.91 -1.29 22.34
C TRP A 325 21.68 -1.32 23.30
N GLN A 326 21.55 -2.36 24.13
CA GLN A 326 20.39 -2.41 25.03
C GLN A 326 20.34 -1.20 25.96
N ASN A 327 21.50 -0.74 26.43
CA ASN A 327 21.46 0.44 27.33
C ASN A 327 20.95 1.64 26.58
N LYS A 328 21.44 1.82 25.36
CA LYS A 328 21.04 3.02 24.61
C LYS A 328 19.56 2.97 24.27
N LEU A 329 19.09 1.79 23.90
CA LEU A 329 17.64 1.62 23.55
C LEU A 329 16.74 1.89 24.75
N VAL A 330 17.12 1.39 25.92
CA VAL A 330 16.33 1.70 27.13
C VAL A 330 16.41 3.24 27.41
N ASP A 331 17.59 3.83 27.29
CA ASP A 331 17.73 5.29 27.51
C ASP A 331 16.73 6.03 26.58
N TRP A 332 16.68 5.61 25.33
CA TRP A 332 15.84 6.28 24.34
C TRP A 332 14.38 6.02 24.63
N MET A 333 14.02 4.77 25.02
CA MET A 333 12.61 4.47 25.38
C MET A 333 12.18 5.35 26.57
N ILE A 334 13.08 5.53 27.53
CA ILE A 334 12.70 6.29 28.76
C ILE A 334 12.56 7.77 28.29
N GLU A 335 13.48 8.27 27.47
CA GLU A 335 13.47 9.70 27.11
C GLU A 335 12.23 10.07 26.28
N ASN A 336 11.76 9.10 25.48
CA ASN A 336 10.70 9.32 24.51
C ASN A 336 9.38 8.75 24.94
N LYS A 337 9.35 8.22 26.19
CA LYS A 337 8.20 7.62 26.82
C LYS A 337 7.61 6.48 26.01
N PHE A 338 8.47 5.56 25.57
CA PHE A 338 7.93 4.33 25.08
C PHE A 338 7.90 3.42 26.26
N CYS A 339 6.77 3.31 26.95
CA CYS A 339 6.80 2.54 28.18
C CYS A 339 6.14 1.18 28.03
N ASP A 340 5.73 0.81 26.81
CA ASP A 340 5.05 -0.48 26.62
C ASP A 340 5.97 -1.38 25.76
N PHE A 341 6.24 -2.60 26.21
CA PHE A 341 7.20 -3.46 25.45
C PHE A 341 7.05 -4.87 25.87
N PHE A 342 7.51 -5.76 25.00
CA PHE A 342 7.69 -7.15 25.43
C PHE A 342 9.13 -7.64 25.14
N TYR A 343 9.87 -8.02 26.18
CA TYR A 343 11.29 -8.41 26.00
C TYR A 343 11.37 -9.78 25.35
N TRP A 344 12.30 -10.01 24.43
CA TRP A 344 12.49 -11.37 23.89
C TRP A 344 13.81 -11.90 24.48
N SER A 345 13.82 -12.88 25.39
CA SER A 345 12.60 -13.56 25.85
C SER A 345 12.76 -13.92 27.27
N TRP A 346 11.69 -14.31 27.94
CA TRP A 346 11.83 -14.94 29.25
C TRP A 346 12.77 -16.17 29.14
N ASN A 347 12.47 -17.01 28.13
CA ASN A 347 13.24 -18.28 27.90
C ASN A 347 14.74 -18.03 27.68
N PRO A 348 15.62 -18.92 28.18
CA PRO A 348 17.03 -18.86 27.75
C PRO A 348 17.34 -19.52 26.38
N ASP A 349 16.48 -20.41 25.93
CA ASP A 349 16.71 -21.24 24.70
C ASP A 349 16.40 -20.53 23.40
N SER A 350 16.82 -19.27 23.33
CA SER A 350 16.77 -18.47 22.11
C SER A 350 18.19 -18.26 21.58
N GLY A 351 18.48 -18.86 20.41
CA GLY A 351 19.89 -18.99 20.02
C GLY A 351 20.63 -17.68 19.83
N ASP A 352 20.00 -16.62 19.32
CA ASP A 352 20.77 -15.44 19.10
C ASP A 352 20.52 -14.36 20.16
N THR A 353 19.62 -14.60 21.10
CA THR A 353 19.42 -13.51 22.09
C THR A 353 19.57 -13.97 23.54
N GLY A 354 19.52 -15.26 23.79
CA GLY A 354 19.35 -15.77 25.16
C GLY A 354 18.07 -15.10 25.70
N GLY A 355 18.07 -14.89 27.00
CA GLY A 355 16.76 -14.53 27.65
C GLY A 355 17.03 -13.87 28.99
N ILE A 356 15.95 -13.69 29.73
CA ILE A 356 16.07 -13.09 31.08
C ILE A 356 16.63 -14.17 31.96
N LEU A 357 16.12 -15.39 31.80
CA LEU A 357 16.68 -16.51 32.55
C LEU A 357 17.99 -17.00 31.91
N GLN A 358 18.91 -17.56 32.77
CA GLN A 358 20.08 -18.26 32.32
C GLN A 358 19.70 -19.70 31.92
N ASP A 359 20.67 -20.43 31.37
CA ASP A 359 20.44 -21.80 30.85
C ASP A 359 19.97 -22.76 31.90
N ASP A 360 20.19 -22.51 33.21
CA ASP A 360 19.55 -23.32 34.22
C ASP A 360 18.06 -23.14 34.37
N TRP A 361 17.43 -22.25 33.57
CA TRP A 361 15.99 -21.98 33.69
C TRP A 361 15.50 -21.48 35.04
N THR A 362 16.43 -21.02 35.88
CA THR A 362 16.13 -20.63 37.27
C THR A 362 16.69 -19.27 37.66
N THR A 363 17.95 -19.01 37.35
CA THR A 363 18.64 -17.83 37.80
C THR A 363 18.51 -16.75 36.72
N ILE A 364 18.32 -15.47 37.06
CA ILE A 364 18.25 -14.49 35.93
C ILE A 364 19.64 -13.91 35.69
N TRP A 365 19.83 -13.25 34.54
CA TRP A 365 21.03 -12.48 34.29
C TRP A 365 20.82 -11.14 34.98
N GLU A 366 21.55 -10.91 36.07
CA GLU A 366 21.27 -9.74 36.87
C GLU A 366 21.45 -8.42 36.08
N ASP A 367 22.54 -8.35 35.33
CA ASP A 367 22.85 -7.09 34.61
C ASP A 367 21.83 -6.78 33.52
N LYS A 368 21.44 -7.81 32.78
CA LYS A 368 20.52 -7.62 31.65
C LYS A 368 19.22 -7.17 32.28
N TYR A 369 18.83 -7.80 33.39
CA TYR A 369 17.53 -7.44 34.01
C TYR A 369 17.68 -6.01 34.60
N ASN A 370 18.81 -5.72 35.23
CA ASN A 370 18.91 -4.37 35.87
C ASN A 370 18.73 -3.25 34.87
N ASN A 371 19.19 -3.47 33.66
CA ASN A 371 18.99 -2.42 32.62
C ASN A 371 17.50 -2.30 32.25
N LEU A 372 16.83 -3.40 32.10
CA LEU A 372 15.44 -3.42 31.74
C LEU A 372 14.58 -2.84 32.82
N LYS A 373 14.97 -3.05 34.09
CA LYS A 373 14.24 -2.62 35.26
C LYS A 373 14.17 -1.07 35.30
N ARG A 374 15.09 -0.40 34.65
CA ARG A 374 14.98 1.08 34.44
C ARG A 374 13.73 1.56 33.70
N LEU A 375 13.20 0.78 32.75
CA LEU A 375 11.91 1.08 32.12
C LEU A 375 10.73 0.78 32.97
N MET A 376 10.98 -0.02 33.96
CA MET A 376 9.92 -0.31 34.73
C MET A 376 9.97 0.80 35.76
N ASP A 377 11.14 1.36 36.11
CA ASP A 377 11.28 2.29 37.26
C ASP A 377 12.51 1.95 38.14
N GLN B 1 -14.54 -30.55 -36.47
CA GLN B 1 -13.76 -29.46 -37.14
C GLN B 1 -13.68 -28.29 -36.15
N THR B 2 -14.78 -27.60 -35.85
CA THR B 2 -14.77 -26.43 -34.82
C THR B 2 -16.11 -26.10 -34.11
N PRO B 3 -16.09 -25.96 -32.75
CA PRO B 3 -17.30 -25.47 -32.04
C PRO B 3 -17.62 -23.98 -32.12
N THR B 4 -16.70 -23.12 -32.62
CA THR B 4 -16.92 -21.68 -32.56
C THR B 4 -17.13 -21.19 -33.97
N GLY B 5 -16.82 -22.05 -34.95
CA GLY B 5 -16.85 -21.60 -36.34
C GLY B 5 -15.48 -21.01 -36.79
N ILE B 6 -14.54 -20.85 -35.87
CA ILE B 6 -13.14 -20.55 -36.20
C ILE B 6 -12.19 -21.71 -36.03
N TYR B 7 -11.25 -21.92 -36.96
CA TYR B 7 -10.32 -23.06 -36.89
C TYR B 7 -8.92 -22.47 -37.07
N TYR B 8 -8.01 -22.75 -36.18
CA TYR B 8 -6.64 -22.30 -36.37
C TYR B 8 -5.78 -23.42 -36.98
N GLU B 9 -4.89 -23.03 -37.89
CA GLU B 9 -3.94 -24.04 -38.39
C GLU B 9 -2.61 -23.39 -38.71
N VAL B 10 -1.61 -24.22 -38.75
CA VAL B 10 -0.25 -23.85 -39.17
C VAL B 10 -0.07 -24.32 -40.61
N ARG B 11 0.38 -23.41 -41.50
CA ARG B 11 0.75 -23.89 -42.83
C ARG B 11 2.15 -23.40 -42.97
N GLY B 12 3.08 -24.30 -43.28
CA GLY B 12 4.54 -23.89 -43.32
C GLY B 12 4.98 -23.43 -41.93
N ASP B 13 5.47 -22.17 -41.83
CA ASP B 13 5.83 -21.67 -40.53
C ASP B 13 4.86 -20.52 -40.13
N THR B 14 3.69 -20.49 -40.74
CA THR B 14 2.68 -19.41 -40.53
C THR B 14 1.39 -19.86 -39.92
N ILE B 15 0.93 -19.07 -38.94
CA ILE B 15 -0.37 -19.42 -38.34
C ILE B 15 -1.47 -18.77 -39.16
N TYR B 16 -2.50 -19.55 -39.50
CA TYR B 16 -3.68 -19.01 -40.21
C TYR B 16 -4.93 -19.17 -39.35
N MET B 17 -5.85 -18.26 -39.53
CA MET B 17 -7.19 -18.34 -38.93
C MET B 17 -8.20 -18.56 -40.04
N ILE B 18 -9.06 -19.56 -39.84
CA ILE B 18 -10.12 -19.89 -40.81
C ILE B 18 -11.48 -19.62 -40.20
N ASN B 19 -12.32 -18.91 -40.91
CA ASN B 19 -13.70 -18.69 -40.49
C ASN B 19 -14.55 -19.61 -41.38
N VAL B 20 -15.11 -20.68 -40.81
CA VAL B 20 -15.88 -21.61 -41.70
C VAL B 20 -17.18 -21.08 -42.16
N THR B 21 -17.69 -20.04 -41.52
CA THR B 21 -18.95 -19.44 -41.97
C THR B 21 -18.82 -18.47 -43.13
N SER B 22 -17.93 -17.49 -43.02
CA SER B 22 -17.66 -16.56 -44.16
C SER B 22 -16.67 -17.21 -45.19
N GLY B 23 -15.95 -18.27 -44.76
CA GLY B 23 -14.94 -18.92 -45.64
C GLY B 23 -13.59 -18.21 -45.60
N GLU B 24 -13.54 -17.06 -44.88
CA GLU B 24 -12.31 -16.25 -44.83
C GLU B 24 -11.14 -17.01 -44.17
N GLU B 25 -9.99 -17.05 -44.84
CA GLU B 25 -8.79 -17.58 -44.19
C GLU B 25 -7.66 -16.61 -44.46
N THR B 26 -7.03 -16.15 -43.40
CA THR B 26 -5.90 -15.24 -43.51
C THR B 26 -4.78 -15.66 -42.55
N PRO B 27 -3.55 -15.30 -42.89
CA PRO B 27 -2.48 -15.44 -41.90
C PRO B 27 -2.78 -14.49 -40.75
N ILE B 28 -2.42 -14.90 -39.53
CA ILE B 28 -2.47 -13.91 -38.41
C ILE B 28 -1.08 -13.71 -37.84
N HIS B 29 -0.84 -12.54 -37.21
CA HIS B 29 0.39 -12.45 -36.45
C HIS B 29 -0.01 -12.29 -35.01
N LEU B 30 0.82 -12.76 -34.11
CA LEU B 30 0.56 -12.61 -32.65
C LEU B 30 1.51 -11.53 -32.12
N PHE B 31 0.99 -10.32 -31.95
CA PHE B 31 1.74 -9.25 -31.30
C PHE B 31 1.24 -9.27 -29.86
N GLY B 32 1.94 -10.07 -29.06
CA GLY B 32 1.40 -10.47 -27.75
C GLY B 32 2.09 -9.93 -26.47
N VAL B 33 1.31 -9.96 -25.38
CA VAL B 33 1.85 -9.72 -24.05
C VAL B 33 1.43 -10.79 -23.12
N ASN B 34 2.26 -11.01 -22.09
CA ASN B 34 1.81 -11.93 -20.99
C ASN B 34 1.12 -11.08 -19.96
N TRP B 35 -0.09 -11.47 -19.59
CA TRP B 35 -0.75 -10.73 -18.44
C TRP B 35 -0.97 -11.75 -17.37
N PHE B 36 -0.07 -11.74 -16.39
CA PHE B 36 -0.04 -12.84 -15.42
C PHE B 36 -0.73 -12.54 -14.07
N GLY B 37 -1.07 -13.61 -13.39
CA GLY B 37 -1.68 -13.49 -12.05
C GLY B 37 -2.52 -14.73 -11.74
N PHE B 38 -3.18 -15.27 -12.74
CA PHE B 38 -4.04 -16.44 -12.45
C PHE B 38 -3.19 -17.64 -11.98
N GLU B 39 -1.87 -17.56 -12.14
CA GLU B 39 -1.01 -18.71 -11.72
C GLU B 39 -0.41 -18.44 -10.31
N THR B 40 -0.82 -17.32 -9.71
CA THR B 40 -0.19 -16.90 -8.42
C THR B 40 -1.24 -17.00 -7.29
N PRO B 41 -0.80 -16.73 -6.03
CA PRO B 41 -1.82 -16.72 -4.91
C PRO B 41 -2.95 -15.75 -5.05
N ASN B 42 -2.82 -14.74 -5.91
CA ASN B 42 -3.98 -13.86 -6.21
C ASN B 42 -5.13 -14.61 -6.89
N HIS B 43 -4.81 -15.66 -7.67
CA HIS B 43 -5.78 -16.37 -8.49
C HIS B 43 -6.56 -15.42 -9.39
N VAL B 44 -5.89 -14.38 -9.84
CA VAL B 44 -6.44 -13.49 -10.81
C VAL B 44 -5.33 -12.72 -11.46
N VAL B 45 -5.51 -12.32 -12.73
CA VAL B 45 -4.57 -11.28 -13.32
C VAL B 45 -4.28 -10.15 -12.37
N HIS B 46 -3.02 -9.77 -12.28
CA HIS B 46 -2.70 -8.67 -11.36
C HIS B 46 -3.04 -7.33 -11.92
N GLY B 47 -3.08 -6.30 -11.01
CA GLY B 47 -3.29 -4.90 -11.41
C GLY B 47 -4.75 -4.45 -11.21
N LEU B 48 -5.65 -5.36 -10.84
CA LEU B 48 -7.06 -4.95 -10.70
C LEU B 48 -7.34 -4.26 -9.35
N TRP B 49 -6.32 -4.14 -8.52
CA TRP B 49 -6.33 -3.15 -7.38
C TRP B 49 -6.15 -1.72 -7.82
N LYS B 50 -5.58 -1.49 -9.00
CA LYS B 50 -5.28 -0.18 -9.48
C LYS B 50 -6.07 0.16 -10.77
N ARG B 51 -6.54 -0.86 -11.53
CA ARG B 51 -7.16 -0.53 -12.84
C ARG B 51 -8.39 -1.36 -13.07
N ASN B 52 -9.33 -0.84 -13.88
CA ASN B 52 -10.44 -1.63 -14.37
C ASN B 52 -9.97 -2.64 -15.41
N TRP B 53 -10.52 -3.83 -15.36
CA TRP B 53 -10.02 -4.92 -16.25
C TRP B 53 -10.26 -4.65 -17.73
N GLU B 54 -11.43 -4.06 -18.07
CA GLU B 54 -11.68 -3.67 -19.45
C GLU B 54 -10.81 -2.63 -19.88
N ASP B 55 -10.60 -1.62 -19.04
CA ASP B 55 -9.67 -0.60 -19.46
C ASP B 55 -8.28 -1.15 -19.69
N MET B 56 -7.84 -2.13 -18.90
CA MET B 56 -6.52 -2.74 -19.26
C MET B 56 -6.50 -3.37 -20.67
N LEU B 57 -7.53 -4.20 -20.97
CA LEU B 57 -7.65 -4.72 -22.32
C LEU B 57 -7.64 -3.70 -23.41
N LEU B 58 -8.41 -2.63 -23.22
CA LEU B 58 -8.45 -1.54 -24.23
C LEU B 58 -7.12 -0.83 -24.41
N GLN B 59 -6.37 -0.73 -23.32
CA GLN B 59 -5.07 -0.08 -23.40
C GLN B 59 -4.07 -1.01 -24.12
N ILE B 60 -4.12 -2.30 -23.80
CA ILE B 60 -3.30 -3.24 -24.55
C ILE B 60 -3.58 -3.12 -26.07
N LYS B 61 -4.86 -3.16 -26.46
CA LYS B 61 -5.21 -3.03 -27.88
C LYS B 61 -4.74 -1.70 -28.46
N SER B 62 -4.87 -0.65 -27.67
CA SER B 62 -4.49 0.68 -28.16
C SER B 62 -3.02 0.80 -28.50
N LEU B 63 -2.15 -0.01 -27.88
CA LEU B 63 -0.73 0.01 -28.18
C LEU B 63 -0.29 -0.96 -29.36
N GLY B 64 -1.31 -1.60 -29.93
CA GLY B 64 -1.13 -2.38 -31.17
C GLY B 64 -0.97 -3.87 -30.91
N PHE B 65 -1.10 -4.26 -29.64
CA PHE B 65 -1.00 -5.72 -29.34
C PHE B 65 -2.32 -6.35 -29.69
N ASN B 66 -2.28 -7.58 -30.19
CA ASN B 66 -3.54 -8.24 -30.51
C ASN B 66 -3.58 -9.67 -29.89
N ALA B 67 -2.76 -9.91 -28.86
CA ALA B 67 -2.74 -11.25 -28.31
C ALA B 67 -2.29 -11.21 -26.86
N ILE B 68 -2.88 -12.10 -26.04
CA ILE B 68 -2.49 -12.19 -24.62
C ILE B 68 -2.20 -13.67 -24.31
N ARG B 69 -1.03 -13.90 -23.69
CA ARG B 69 -0.73 -15.23 -23.10
C ARG B 69 -1.15 -15.07 -21.64
N LEU B 70 -2.02 -16.00 -21.25
CA LEU B 70 -2.67 -15.99 -19.92
C LEU B 70 -2.21 -17.22 -19.07
N PRO B 71 -1.17 -17.03 -18.24
CA PRO B 71 -0.69 -18.12 -17.34
C PRO B 71 -1.81 -18.46 -16.35
N PHE B 72 -1.94 -19.75 -16.02
CA PHE B 72 -2.91 -20.15 -15.01
C PHE B 72 -2.27 -21.26 -14.16
N CYS B 73 -2.74 -21.40 -12.94
CA CYS B 73 -2.42 -22.63 -12.18
C CYS B 73 -3.65 -23.51 -12.01
N THR B 74 -3.44 -24.74 -11.49
CA THR B 74 -4.56 -25.63 -11.47
C THR B 74 -5.75 -25.11 -10.67
N GLU B 75 -5.47 -24.45 -9.54
CA GLU B 75 -6.56 -23.98 -8.63
C GLU B 75 -7.40 -22.92 -9.31
N SER B 76 -6.76 -22.06 -10.13
CA SER B 76 -7.59 -20.98 -10.80
C SER B 76 -8.59 -21.44 -11.80
N VAL B 77 -8.39 -22.63 -12.32
CA VAL B 77 -9.31 -23.13 -13.34
C VAL B 77 -10.30 -24.15 -12.71
N LYS B 78 -10.24 -24.35 -11.39
CA LYS B 78 -11.35 -25.07 -10.66
C LYS B 78 -12.43 -24.09 -10.17
N PRO B 79 -13.70 -24.48 -10.24
CA PRO B 79 -14.81 -23.68 -9.76
C PRO B 79 -14.62 -23.43 -8.27
N GLY B 80 -14.95 -22.22 -7.82
CA GLY B 80 -14.99 -21.86 -6.42
C GLY B 80 -13.72 -21.26 -5.84
N THR B 81 -12.71 -21.00 -6.68
CA THR B 81 -11.48 -20.44 -6.13
C THR B 81 -11.69 -18.95 -6.01
N GLN B 82 -11.43 -18.38 -4.84
CA GLN B 82 -11.79 -16.96 -4.73
C GLN B 82 -10.55 -16.10 -4.98
N PRO B 83 -10.66 -15.06 -5.82
CA PRO B 83 -9.49 -14.26 -6.16
C PRO B 83 -9.21 -13.27 -5.04
N ILE B 84 -7.98 -12.83 -4.84
CA ILE B 84 -7.68 -11.75 -3.90
C ILE B 84 -6.93 -10.73 -4.74
N GLY B 85 -7.25 -9.48 -4.52
CA GLY B 85 -6.52 -8.36 -5.10
C GLY B 85 -7.31 -7.63 -6.15
N ILE B 86 -8.60 -7.40 -5.89
CA ILE B 86 -9.39 -6.64 -6.91
C ILE B 86 -10.05 -5.50 -6.19
N ASP B 87 -9.93 -4.32 -6.72
CA ASP B 87 -10.68 -3.19 -6.21
C ASP B 87 -12.04 -3.22 -6.85
N TYR B 88 -13.05 -3.62 -6.08
CA TYR B 88 -14.40 -3.83 -6.62
C TYR B 88 -15.15 -2.57 -6.88
N SER B 89 -14.66 -1.46 -6.31
CA SER B 89 -15.14 -0.14 -6.74
C SER B 89 -14.73 0.20 -8.16
N LYS B 90 -13.53 -0.22 -8.57
CA LYS B 90 -13.06 -0.04 -9.94
C LYS B 90 -13.59 -1.14 -10.83
N ASN B 91 -13.94 -2.30 -10.25
CA ASN B 91 -14.32 -3.49 -11.04
C ASN B 91 -15.63 -4.11 -10.52
N PRO B 92 -16.74 -3.33 -10.55
CA PRO B 92 -17.97 -3.79 -9.84
C PRO B 92 -18.56 -5.06 -10.44
N ASP B 93 -18.34 -5.24 -11.77
CA ASP B 93 -18.89 -6.39 -12.46
C ASP B 93 -18.14 -7.64 -12.10
N LEU B 94 -17.03 -7.51 -11.33
CA LEU B 94 -16.39 -8.72 -10.86
C LEU B 94 -16.81 -9.21 -9.45
N ARG B 95 -17.64 -8.45 -8.74
CA ARG B 95 -18.09 -8.89 -7.40
C ARG B 95 -18.79 -10.23 -7.44
N GLY B 96 -18.37 -11.10 -6.54
CA GLY B 96 -19.03 -12.35 -6.33
C GLY B 96 -18.60 -13.38 -7.36
N LEU B 97 -17.69 -13.03 -8.28
CA LEU B 97 -17.23 -14.09 -9.26
C LEU B 97 -16.03 -14.84 -8.75
N ASP B 98 -15.93 -16.11 -9.14
CA ASP B 98 -14.77 -16.90 -8.78
C ASP B 98 -13.66 -16.66 -9.85
N SER B 99 -12.46 -17.20 -9.65
CA SER B 99 -11.40 -17.00 -10.63
C SER B 99 -11.80 -17.47 -12.05
N LEU B 100 -12.45 -18.61 -12.15
CA LEU B 100 -12.79 -19.12 -13.46
C LEU B 100 -13.77 -18.17 -14.22
N GLN B 101 -14.73 -17.60 -13.49
CA GLN B 101 -15.68 -16.78 -14.07
C GLN B 101 -15.03 -15.50 -14.52
N ILE B 102 -14.07 -15.04 -13.74
CA ILE B 102 -13.34 -13.85 -14.16
C ILE B 102 -12.53 -14.19 -15.44
N MET B 103 -11.82 -15.30 -15.44
CA MET B 103 -11.08 -15.67 -16.68
C MET B 103 -11.98 -15.71 -17.91
N GLU B 104 -13.16 -16.27 -17.72
CA GLU B 104 -14.20 -16.27 -18.79
C GLU B 104 -14.61 -14.92 -19.33
N LYS B 105 -14.89 -13.99 -18.42
CA LYS B 105 -15.23 -12.64 -18.76
C LYS B 105 -14.10 -11.91 -19.48
N ILE B 106 -12.86 -12.03 -18.96
CA ILE B 106 -11.72 -11.41 -19.62
C ILE B 106 -11.51 -11.96 -21.03
N ILE B 107 -11.58 -13.27 -21.18
CA ILE B 107 -11.37 -13.79 -22.56
C ILE B 107 -12.51 -13.44 -23.52
N LYS B 108 -13.77 -13.43 -23.04
CA LYS B 108 -14.85 -12.91 -23.87
C LYS B 108 -14.70 -11.46 -24.36
N LYS B 109 -14.36 -10.54 -23.44
CA LYS B 109 -14.08 -9.15 -23.82
C LYS B 109 -12.91 -9.02 -24.76
N ALA B 110 -11.85 -9.81 -24.47
CA ALA B 110 -10.75 -9.88 -25.37
C ALA B 110 -11.18 -10.22 -26.79
N GLY B 111 -12.03 -11.25 -26.94
CA GLY B 111 -12.63 -11.68 -28.23
C GLY B 111 -13.31 -10.47 -28.88
N ASP B 112 -14.09 -9.72 -28.07
CA ASP B 112 -14.85 -8.57 -28.65
C ASP B 112 -13.91 -7.60 -29.23
N LEU B 113 -12.72 -7.47 -28.57
CA LEU B 113 -11.69 -6.56 -29.02
C LEU B 113 -10.72 -7.11 -30.08
N GLY B 114 -10.99 -8.32 -30.58
CA GLY B 114 -10.12 -8.96 -31.54
C GLY B 114 -8.73 -9.29 -30.96
N ILE B 115 -8.66 -9.66 -29.70
CA ILE B 115 -7.35 -10.04 -29.08
C ILE B 115 -7.45 -11.61 -28.96
N PHE B 116 -6.45 -12.25 -29.49
CA PHE B 116 -6.25 -13.74 -29.37
C PHE B 116 -5.79 -14.06 -27.96
N VAL B 117 -6.18 -15.26 -27.43
CA VAL B 117 -5.68 -15.61 -26.12
C VAL B 117 -5.05 -16.97 -26.23
N LEU B 118 -3.86 -17.06 -25.65
CA LEU B 118 -3.13 -18.36 -25.57
C LEU B 118 -3.15 -18.75 -24.11
N LEU B 119 -3.76 -19.89 -23.82
CA LEU B 119 -3.79 -20.40 -22.43
C LEU B 119 -2.54 -21.16 -22.05
N ASP B 120 -1.94 -20.80 -20.93
CA ASP B 120 -0.63 -21.32 -20.54
C ASP B 120 -0.72 -22.00 -19.17
N TYR B 121 -0.59 -23.36 -19.16
CA TYR B 121 -0.59 -24.01 -17.83
C TYR B 121 0.78 -23.80 -17.19
N HIS B 122 0.87 -22.80 -16.33
CA HIS B 122 2.12 -22.25 -16.01
C HIS B 122 2.70 -22.89 -14.75
N ARG B 123 1.83 -23.36 -13.86
CA ARG B 123 2.28 -23.94 -12.57
C ARG B 123 1.22 -24.96 -12.19
N ILE B 124 1.65 -26.07 -11.56
CA ILE B 124 0.67 -27.00 -11.09
C ILE B 124 0.11 -26.47 -9.75
N GLY B 125 1.01 -26.15 -8.86
CA GLY B 125 0.66 -25.44 -7.64
C GLY B 125 0.58 -23.96 -7.94
N CYS B 126 0.51 -23.11 -6.92
CA CYS B 126 0.39 -21.70 -7.31
C CYS B 126 1.53 -20.88 -6.75
N THR B 127 2.69 -21.52 -6.50
CA THR B 127 3.82 -20.76 -5.96
C THR B 127 5.11 -20.76 -6.84
N HIS B 128 5.36 -21.78 -7.66
CA HIS B 128 6.60 -21.83 -8.45
C HIS B 128 6.38 -22.80 -9.60
N ILE B 129 7.24 -22.66 -10.59
CA ILE B 129 7.17 -23.50 -11.80
C ILE B 129 7.91 -24.83 -11.49
N GLU B 130 7.14 -25.90 -11.61
CA GLU B 130 7.71 -27.26 -11.34
C GLU B 130 8.61 -27.67 -12.52
N PRO B 131 9.65 -28.53 -12.28
CA PRO B 131 10.49 -28.87 -13.46
C PRO B 131 9.79 -29.86 -14.42
N LEU B 132 8.92 -30.70 -13.87
CA LEU B 132 8.18 -31.68 -14.65
C LEU B 132 6.68 -31.35 -14.72
N TRP B 133 5.97 -32.05 -15.59
CA TRP B 133 4.53 -32.00 -15.77
C TRP B 133 3.68 -32.80 -14.78
N TYR B 134 4.32 -33.14 -13.68
CA TYR B 134 3.67 -33.89 -12.58
C TYR B 134 4.49 -33.72 -11.36
N THR B 135 3.85 -33.95 -10.19
CA THR B 135 4.61 -33.96 -8.94
C THR B 135 4.32 -35.25 -8.13
N GLU B 136 4.91 -35.32 -6.95
CA GLU B 136 4.76 -36.49 -6.08
C GLU B 136 3.27 -36.72 -5.84
N ASP B 137 2.51 -35.62 -5.68
CA ASP B 137 1.07 -35.66 -5.44
C ASP B 137 0.12 -35.21 -6.54
N PHE B 138 0.60 -35.06 -7.77
CA PHE B 138 -0.28 -34.67 -8.87
C PHE B 138 0.30 -35.29 -10.10
N SER B 139 -0.46 -36.22 -10.66
CA SER B 139 0.12 -37.16 -11.62
C SER B 139 0.00 -36.57 -13.03
N GLU B 140 0.67 -37.14 -14.02
CA GLU B 140 0.37 -36.77 -15.43
C GLU B 140 -1.12 -36.91 -15.80
N GLU B 141 -1.82 -37.99 -15.35
CA GLU B 141 -3.26 -38.08 -15.62
C GLU B 141 -4.07 -36.89 -15.06
N ASP B 142 -3.69 -36.37 -13.88
CA ASP B 142 -4.37 -35.20 -13.32
C ASP B 142 -4.06 -33.97 -14.19
N PHE B 143 -2.82 -33.94 -14.68
CA PHE B 143 -2.38 -32.77 -15.53
C PHE B 143 -3.17 -32.82 -16.80
N ILE B 144 -3.23 -33.97 -17.47
CA ILE B 144 -4.02 -34.13 -18.69
C ILE B 144 -5.49 -33.89 -18.51
N ASN B 145 -6.05 -34.39 -17.38
CA ASN B 145 -7.45 -34.15 -17.08
C ASN B 145 -7.79 -32.68 -16.88
N THR B 146 -6.88 -31.95 -16.27
CA THR B 146 -7.04 -30.47 -16.07
C THR B 146 -7.08 -29.81 -17.45
N TRP B 147 -6.09 -30.12 -18.31
CA TRP B 147 -6.17 -29.67 -19.75
C TRP B 147 -7.43 -30.02 -20.47
N ILE B 148 -7.89 -31.30 -20.43
CA ILE B 148 -9.21 -31.64 -21.06
C ILE B 148 -10.38 -30.73 -20.57
N GLU B 149 -10.53 -30.55 -19.26
CA GLU B 149 -11.56 -29.72 -18.74
C GLU B 149 -11.40 -28.27 -19.25
N VAL B 150 -10.16 -27.77 -19.23
CA VAL B 150 -9.91 -26.35 -19.66
C VAL B 150 -10.30 -26.23 -21.15
N ALA B 151 -9.89 -27.21 -21.97
CA ALA B 151 -10.18 -27.18 -23.39
C ALA B 151 -11.65 -27.39 -23.68
N LYS B 152 -12.35 -28.23 -22.90
CA LYS B 152 -13.81 -28.28 -23.04
C LYS B 152 -14.51 -26.95 -22.80
N ARG B 153 -14.04 -26.22 -21.78
CA ARG B 153 -14.67 -24.99 -21.39
C ARG B 153 -14.28 -23.87 -22.36
N PHE B 154 -12.98 -23.70 -22.52
CA PHE B 154 -12.51 -22.49 -23.23
C PHE B 154 -12.40 -22.69 -24.72
N GLY B 155 -12.46 -23.94 -25.12
CA GLY B 155 -12.67 -24.22 -26.57
C GLY B 155 -13.84 -23.50 -27.22
N LYS B 156 -14.82 -23.05 -26.44
CA LYS B 156 -16.00 -22.46 -26.97
C LYS B 156 -15.85 -20.95 -27.21
N TYR B 157 -14.67 -20.40 -26.88
CA TYR B 157 -14.43 -18.95 -27.07
C TYR B 157 -13.59 -18.84 -28.35
N TRP B 158 -14.10 -18.10 -29.32
CA TRP B 158 -13.53 -18.14 -30.74
C TRP B 158 -12.06 -17.75 -30.70
N ASN B 159 -11.73 -16.80 -29.83
CA ASN B 159 -10.42 -16.18 -29.87
C ASN B 159 -9.35 -16.90 -29.07
N VAL B 160 -9.67 -17.98 -28.39
CA VAL B 160 -8.67 -18.82 -27.74
C VAL B 160 -7.95 -19.65 -28.82
N ILE B 161 -6.64 -19.40 -28.98
CA ILE B 161 -5.98 -20.03 -30.16
C ILE B 161 -5.46 -21.38 -29.83
N GLY B 162 -5.33 -21.66 -28.53
CA GLY B 162 -4.73 -22.96 -28.16
C GLY B 162 -4.09 -22.99 -26.81
N ALA B 163 -3.22 -23.98 -26.67
CA ALA B 163 -2.77 -24.47 -25.37
C ALA B 163 -1.25 -24.49 -25.38
N ASP B 164 -0.61 -23.69 -24.48
CA ASP B 164 0.79 -23.80 -24.18
C ASP B 164 0.92 -24.84 -23.04
N LEU B 165 1.33 -26.04 -23.43
CA LEU B 165 1.04 -27.23 -22.59
C LEU B 165 1.62 -27.20 -21.18
N LYS B 166 2.84 -26.78 -21.05
CA LYS B 166 3.45 -26.62 -19.73
C LYS B 166 4.51 -25.56 -19.77
N ASN B 167 4.41 -24.54 -18.88
CA ASN B 167 5.44 -23.53 -18.86
C ASN B 167 6.74 -23.99 -18.35
N GLU B 168 7.77 -23.74 -19.14
CA GLU B 168 9.16 -23.88 -18.70
C GLU B 168 9.52 -25.27 -18.05
N PRO B 169 9.29 -26.36 -18.81
CA PRO B 169 10.01 -27.62 -18.44
C PRO B 169 11.49 -27.32 -18.20
N HIS B 170 12.06 -27.87 -17.11
CA HIS B 170 13.42 -27.54 -16.80
C HIS B 170 14.07 -28.56 -15.84
N SER B 171 15.29 -28.26 -15.43
CA SER B 171 16.04 -29.12 -14.49
C SER B 171 16.31 -28.45 -13.20
N VAL B 172 16.57 -29.30 -12.17
CA VAL B 172 16.86 -28.79 -10.83
C VAL B 172 18.20 -29.37 -10.24
N THR B 173 18.96 -30.03 -11.09
CA THR B 173 20.27 -30.55 -10.74
C THR B 173 21.11 -30.35 -12.02
N SER B 174 22.42 -30.39 -11.85
CA SER B 174 23.41 -30.28 -12.92
C SER B 174 23.44 -31.51 -13.77
N PRO B 175 23.70 -31.32 -15.08
CA PRO B 175 24.09 -32.48 -15.87
C PRO B 175 25.52 -32.88 -15.35
N PRO B 176 25.87 -34.15 -15.53
CA PRO B 176 25.16 -35.22 -16.19
C PRO B 176 23.99 -35.84 -15.40
N ALA B 177 23.95 -35.63 -14.08
CA ALA B 177 22.88 -36.25 -13.27
C ALA B 177 21.48 -35.95 -13.82
N ALA B 178 21.30 -34.66 -14.17
CA ALA B 178 20.01 -34.15 -14.66
C ALA B 178 19.43 -35.05 -15.74
N TYR B 179 20.28 -35.70 -16.54
CA TYR B 179 19.73 -36.57 -17.63
C TYR B 179 19.01 -37.84 -17.19
N THR B 180 19.38 -38.35 -16.00
CA THR B 180 18.92 -39.67 -15.57
C THR B 180 18.39 -39.72 -14.12
N ASP B 181 18.66 -38.67 -13.35
CA ASP B 181 18.23 -38.67 -11.95
C ASP B 181 16.70 -38.57 -11.76
N GLY B 182 15.96 -38.24 -12.82
CA GLY B 182 14.50 -38.23 -12.72
C GLY B 182 13.92 -36.96 -12.07
N THR B 183 14.77 -35.97 -11.76
CA THR B 183 14.30 -34.77 -11.05
C THR B 183 13.83 -33.67 -12.07
N GLY B 184 14.18 -33.85 -13.34
CA GLY B 184 14.01 -32.73 -14.31
C GLY B 184 13.60 -33.19 -15.67
N ALA B 185 13.20 -32.22 -16.47
CA ALA B 185 12.79 -32.52 -17.80
C ALA B 185 14.04 -32.88 -18.68
N THR B 186 13.77 -33.74 -19.64
CA THR B 186 14.72 -34.10 -20.69
C THR B 186 14.07 -34.09 -22.06
N TRP B 187 14.85 -34.41 -23.09
CA TRP B 187 14.31 -34.56 -24.40
C TRP B 187 15.27 -35.43 -25.20
N GLY B 188 14.70 -36.50 -25.71
CA GLY B 188 15.41 -37.49 -26.56
C GLY B 188 16.23 -38.46 -25.70
N MET B 189 15.91 -38.57 -24.40
CA MET B 189 16.47 -39.68 -23.59
C MET B 189 15.91 -41.07 -23.92
N GLY B 190 14.67 -41.17 -24.41
CA GLY B 190 13.96 -42.44 -24.52
C GLY B 190 13.45 -42.92 -23.17
N ASN B 191 13.20 -41.97 -22.27
CA ASN B 191 12.67 -42.22 -20.94
C ASN B 191 11.34 -41.47 -20.69
N PRO B 192 10.21 -42.20 -20.71
CA PRO B 192 8.90 -41.55 -20.56
C PRO B 192 8.71 -40.78 -19.25
N ALA B 193 9.50 -41.09 -18.23
CA ALA B 193 9.33 -40.40 -16.98
C ALA B 193 9.70 -38.91 -17.12
N THR B 194 10.62 -38.61 -18.05
CA THR B 194 11.27 -37.31 -18.05
C THR B 194 11.16 -36.64 -19.43
N ASP B 195 10.94 -37.42 -20.48
CA ASP B 195 11.07 -36.87 -21.85
C ASP B 195 9.88 -35.97 -22.19
N TRP B 196 10.17 -34.64 -22.15
CA TRP B 196 9.15 -33.64 -22.54
C TRP B 196 8.63 -33.80 -23.93
N ASN B 197 9.51 -34.09 -24.92
CA ASN B 197 9.00 -34.39 -26.24
C ASN B 197 7.93 -35.44 -26.32
N LEU B 198 8.09 -36.52 -25.51
CA LEU B 198 7.07 -37.55 -25.52
C LEU B 198 5.87 -37.12 -24.73
N ALA B 199 6.09 -36.39 -23.64
CA ALA B 199 4.92 -35.92 -22.84
C ALA B 199 4.00 -35.00 -23.64
N ALA B 200 4.62 -34.09 -24.38
CA ALA B 200 3.86 -33.15 -25.22
C ALA B 200 2.98 -33.87 -26.24
N GLU B 201 3.44 -34.97 -26.83
CA GLU B 201 2.60 -35.71 -27.71
C GLU B 201 1.37 -36.23 -27.00
N ARG B 202 1.55 -36.82 -25.83
CA ARG B 202 0.41 -37.42 -25.14
C ARG B 202 -0.56 -36.29 -24.72
N ILE B 203 -0.05 -35.24 -24.10
CA ILE B 203 -0.93 -34.13 -23.58
C ILE B 203 -1.63 -33.40 -24.74
N GLY B 204 -0.85 -33.10 -25.80
CA GLY B 204 -1.45 -32.51 -27.04
C GLY B 204 -2.51 -33.33 -27.74
N LYS B 205 -2.30 -34.65 -27.82
CA LYS B 205 -3.35 -35.47 -28.42
C LYS B 205 -4.64 -35.43 -27.64
N ALA B 206 -4.50 -35.48 -26.31
CA ALA B 206 -5.73 -35.49 -25.48
C ALA B 206 -6.55 -34.15 -25.68
N ILE B 207 -5.80 -33.04 -25.84
CA ILE B 207 -6.45 -31.74 -26.03
C ILE B 207 -7.10 -31.65 -27.42
N LEU B 208 -6.40 -32.12 -28.45
CA LEU B 208 -6.89 -32.04 -29.81
C LEU B 208 -8.12 -32.90 -30.04
N LYS B 209 -8.28 -33.94 -29.20
CA LYS B 209 -9.52 -34.69 -29.23
C LYS B 209 -10.76 -33.89 -28.83
N VAL B 210 -10.63 -32.92 -27.90
CA VAL B 210 -11.76 -32.13 -27.46
C VAL B 210 -11.83 -30.70 -28.10
N ALA B 211 -10.67 -30.21 -28.57
CA ALA B 211 -10.54 -28.85 -29.18
C ALA B 211 -9.69 -29.01 -30.45
N PRO B 212 -10.26 -29.71 -31.48
CA PRO B 212 -9.41 -29.99 -32.68
C PRO B 212 -9.02 -28.73 -33.45
N HIS B 213 -9.76 -27.66 -33.19
CA HIS B 213 -9.57 -26.33 -33.81
C HIS B 213 -8.36 -25.55 -33.19
N TRP B 214 -7.84 -26.01 -32.06
CA TRP B 214 -6.73 -25.31 -31.31
C TRP B 214 -5.38 -25.53 -31.92
N LEU B 215 -4.42 -24.67 -31.61
CA LEU B 215 -3.03 -25.04 -31.84
C LEU B 215 -2.44 -25.55 -30.56
N ILE B 216 -1.34 -26.29 -30.69
CA ILE B 216 -0.62 -26.77 -29.52
C ILE B 216 0.77 -26.16 -29.49
N PHE B 217 1.03 -25.42 -28.42
CA PHE B 217 2.29 -24.77 -28.27
C PHE B 217 3.17 -25.58 -27.34
N VAL B 218 4.38 -25.91 -27.83
CA VAL B 218 5.34 -26.73 -27.09
C VAL B 218 6.62 -25.98 -26.85
N GLU B 219 6.97 -25.79 -25.58
CA GLU B 219 8.21 -25.13 -25.23
C GLU B 219 9.38 -26.08 -25.26
N GLY B 220 10.56 -25.49 -25.18
CA GLY B 220 11.83 -26.25 -24.97
C GLY B 220 11.92 -26.72 -23.53
N THR B 221 12.98 -27.49 -23.28
CA THR B 221 13.40 -27.80 -21.93
C THR B 221 14.57 -26.91 -21.57
N GLN B 222 15.30 -27.23 -20.49
CA GLN B 222 16.52 -26.55 -20.19
C GLN B 222 17.68 -27.43 -20.76
N PHE B 223 17.68 -28.69 -20.34
CA PHE B 223 18.72 -29.69 -20.86
C PHE B 223 17.94 -30.70 -21.65
N THR B 224 18.57 -31.35 -22.66
CA THR B 224 17.84 -32.27 -23.50
C THR B 224 18.37 -33.73 -23.32
N ASN B 225 19.52 -33.96 -23.92
CA ASN B 225 20.27 -35.24 -23.83
C ASN B 225 21.74 -34.87 -24.00
N PRO B 226 22.65 -35.70 -23.42
CA PRO B 226 24.09 -35.37 -23.40
C PRO B 226 24.70 -35.13 -24.78
N LYS B 227 24.31 -35.97 -25.73
CA LYS B 227 24.80 -35.87 -27.14
C LYS B 227 24.39 -34.50 -27.74
N THR B 228 23.12 -34.16 -27.60
CA THR B 228 22.62 -32.84 -28.07
C THR B 228 23.26 -31.71 -27.35
N ASP B 229 23.15 -31.65 -26.01
CA ASP B 229 23.73 -30.46 -25.29
C ASP B 229 25.21 -30.29 -25.43
N SER B 230 25.95 -31.41 -25.46
CA SER B 230 27.41 -31.33 -25.56
C SER B 230 27.92 -30.90 -26.95
N SER B 231 27.09 -31.02 -27.97
CA SER B 231 27.54 -30.69 -29.34
C SER B 231 27.49 -29.20 -29.73
N TYR B 232 27.12 -28.33 -28.78
CA TYR B 232 27.23 -26.87 -28.99
C TYR B 232 27.85 -26.24 -27.76
N LYS B 233 28.73 -25.25 -27.96
CA LYS B 233 29.50 -24.71 -26.88
C LYS B 233 28.62 -24.05 -25.78
N TRP B 234 27.44 -23.54 -26.16
CA TRP B 234 26.52 -22.94 -25.13
C TRP B 234 25.35 -23.86 -24.91
N GLY B 235 25.55 -25.15 -25.18
CA GLY B 235 24.50 -26.19 -24.98
C GLY B 235 23.86 -26.34 -23.58
N TYR B 236 24.62 -25.91 -22.57
CA TYR B 236 24.17 -26.01 -21.19
C TYR B 236 23.71 -24.67 -20.67
N ASN B 237 23.58 -23.65 -21.55
CA ASN B 237 23.27 -22.31 -21.01
C ASN B 237 21.98 -21.79 -21.72
N ALA B 238 21.09 -22.69 -22.12
CA ALA B 238 19.75 -22.29 -22.61
C ALA B 238 18.85 -21.95 -21.39
N TRP B 239 17.86 -21.09 -21.61
CA TRP B 239 16.85 -20.73 -20.55
C TRP B 239 15.93 -21.91 -20.28
N TRP B 240 15.24 -21.95 -19.13
CA TRP B 240 14.12 -22.87 -19.02
C TRP B 240 13.13 -22.62 -20.12
N GLY B 241 12.55 -23.67 -20.70
CA GLY B 241 11.56 -23.65 -21.79
C GLY B 241 12.28 -23.12 -23.04
N GLY B 242 13.62 -23.07 -23.03
CA GLY B 242 14.36 -22.41 -24.13
C GLY B 242 15.30 -23.28 -24.95
N ASN B 243 15.36 -24.56 -24.62
CA ASN B 243 16.39 -25.40 -25.33
C ASN B 243 15.60 -26.24 -26.31
N LEU B 244 15.61 -25.82 -27.60
CA LEU B 244 14.91 -26.64 -28.60
C LEU B 244 15.94 -27.38 -29.50
N MET B 245 17.12 -27.63 -28.95
CA MET B 245 18.22 -28.12 -29.78
C MET B 245 17.95 -29.56 -30.17
N ALA B 246 17.06 -30.23 -29.46
CA ALA B 246 16.75 -31.65 -29.74
C ALA B 246 15.65 -31.84 -30.74
N VAL B 247 15.02 -30.74 -31.23
CA VAL B 247 13.96 -30.87 -32.18
C VAL B 247 14.43 -31.57 -33.50
N LYS B 248 15.66 -31.33 -33.90
CA LYS B 248 16.13 -31.88 -35.20
C LYS B 248 16.10 -33.42 -35.13
N ASP B 249 16.70 -33.98 -34.09
CA ASP B 249 16.74 -35.47 -34.02
C ASP B 249 15.51 -36.13 -33.35
N TYR B 250 14.78 -35.35 -32.55
CA TYR B 250 13.61 -35.84 -31.83
C TYR B 250 12.42 -34.86 -31.95
N PRO B 251 11.89 -34.73 -33.16
CA PRO B 251 10.70 -33.91 -33.39
C PRO B 251 9.51 -34.38 -32.58
N VAL B 252 8.70 -33.45 -32.06
CA VAL B 252 7.45 -33.86 -31.45
C VAL B 252 6.49 -34.42 -32.45
N ASN B 253 5.90 -35.57 -32.09
CA ASN B 253 4.93 -36.19 -32.94
C ASN B 253 3.48 -35.76 -32.82
N LEU B 254 3.17 -34.49 -33.19
CA LEU B 254 1.82 -34.00 -33.30
C LEU B 254 1.68 -33.55 -34.76
N PRO B 255 0.46 -33.40 -35.24
CA PRO B 255 0.18 -32.99 -36.59
C PRO B 255 0.84 -31.68 -36.92
N LYS B 256 1.36 -31.61 -38.14
CA LYS B 256 2.11 -30.50 -38.60
C LYS B 256 1.28 -29.21 -38.68
N ASN B 257 0.00 -29.31 -38.97
CA ASN B 257 -0.90 -28.21 -39.08
C ASN B 257 -1.44 -27.68 -37.70
N LYS B 258 -0.93 -28.29 -36.62
CA LYS B 258 -1.34 -28.00 -35.20
C LYS B 258 -0.20 -27.55 -34.27
N LEU B 259 1.04 -27.89 -34.58
CA LEU B 259 2.14 -27.83 -33.67
C LEU B 259 2.89 -26.49 -33.87
N VAL B 260 3.11 -25.77 -32.75
CA VAL B 260 3.90 -24.52 -32.75
C VAL B 260 4.95 -24.71 -31.71
N TYR B 261 6.22 -24.48 -32.06
CA TYR B 261 7.24 -24.56 -31.03
C TYR B 261 7.38 -23.18 -30.35
N SER B 262 7.57 -23.16 -29.04
CA SER B 262 7.51 -21.83 -28.32
C SER B 262 8.62 -21.72 -27.33
N PRO B 263 9.79 -21.28 -27.73
CA PRO B 263 10.90 -21.05 -26.82
C PRO B 263 10.74 -19.76 -25.98
N HIS B 264 11.35 -19.76 -24.81
CA HIS B 264 11.61 -18.56 -24.01
C HIS B 264 13.05 -18.12 -24.14
N VAL B 265 13.29 -16.80 -24.01
CA VAL B 265 14.64 -16.29 -24.17
C VAL B 265 14.74 -15.00 -23.38
N TYR B 266 15.79 -14.83 -22.57
CA TYR B 266 15.96 -13.67 -21.68
C TYR B 266 17.34 -13.03 -21.75
N GLY B 267 17.44 -11.91 -21.07
CA GLY B 267 18.57 -11.01 -21.09
C GLY B 267 19.30 -10.95 -19.76
N PRO B 268 20.24 -10.02 -19.64
CA PRO B 268 21.09 -10.00 -18.46
C PRO B 268 20.31 -9.62 -17.16
N ASP B 269 19.09 -9.02 -17.30
CA ASP B 269 18.32 -8.72 -16.03
C ASP B 269 17.78 -9.99 -15.40
N VAL B 270 17.70 -11.08 -16.17
CA VAL B 270 17.19 -12.34 -15.61
C VAL B 270 18.34 -13.21 -15.08
N TYR B 271 19.39 -13.37 -15.89
CA TYR B 271 20.55 -14.08 -15.36
C TYR B 271 21.75 -13.57 -16.13
N ASN B 272 22.87 -13.34 -15.42
CA ASN B 272 24.12 -12.89 -16.06
C ASN B 272 24.80 -14.08 -16.80
N GLN B 273 24.21 -14.51 -17.91
CA GLN B 273 24.80 -15.59 -18.77
C GLN B 273 26.25 -15.19 -19.17
N PRO B 274 27.14 -16.15 -19.23
CA PRO B 274 28.56 -15.78 -19.53
C PRO B 274 28.71 -15.08 -20.91
N TYR B 275 27.80 -15.47 -21.81
CA TYR B 275 27.75 -14.86 -23.14
C TYR B 275 27.26 -13.43 -23.24
N PHE B 276 26.82 -12.85 -22.12
CA PHE B 276 26.58 -11.43 -22.07
C PHE B 276 27.86 -10.61 -21.74
N GLY B 277 29.01 -11.21 -21.53
CA GLY B 277 30.14 -10.33 -21.24
C GLY B 277 30.70 -9.57 -22.46
N PRO B 278 30.91 -8.25 -22.35
CA PRO B 278 31.87 -7.64 -23.23
C PRO B 278 33.13 -8.14 -22.50
N ALA B 279 33.96 -8.94 -23.11
CA ALA B 279 34.21 -8.95 -24.48
C ALA B 279 34.25 -10.38 -24.80
N LYS B 280 33.23 -11.10 -24.38
CA LYS B 280 32.87 -12.33 -25.07
C LYS B 280 32.17 -12.03 -26.46
N GLY B 281 32.05 -10.77 -26.85
CA GLY B 281 31.43 -10.50 -28.12
C GLY B 281 30.03 -9.95 -27.98
N PHE B 282 29.55 -9.91 -26.73
CA PHE B 282 28.26 -9.24 -26.57
C PHE B 282 28.13 -7.84 -27.19
N PRO B 283 27.06 -7.57 -27.96
CA PRO B 283 25.88 -8.45 -28.25
C PRO B 283 26.01 -9.15 -29.59
N ASP B 284 27.16 -8.98 -30.29
CA ASP B 284 27.20 -9.44 -31.65
C ASP B 284 27.28 -10.94 -31.77
N ASN B 285 27.61 -11.59 -30.65
CA ASN B 285 27.60 -13.05 -30.58
C ASN B 285 26.19 -13.68 -30.40
N LEU B 286 25.19 -12.85 -30.11
CA LEU B 286 23.85 -13.48 -29.75
C LEU B 286 23.10 -14.18 -30.86
N PRO B 287 23.10 -13.63 -32.09
CA PRO B 287 22.32 -14.29 -33.12
C PRO B 287 22.68 -15.76 -33.27
N ASP B 288 23.97 -16.08 -33.25
CA ASP B 288 24.34 -17.52 -33.36
C ASP B 288 23.85 -18.39 -32.19
N ILE B 289 23.85 -17.81 -30.99
CA ILE B 289 23.34 -18.51 -29.82
C ILE B 289 21.79 -18.74 -29.99
N TRP B 290 21.07 -17.68 -30.31
CA TRP B 290 19.60 -17.85 -30.54
C TRP B 290 19.31 -18.83 -31.65
N TYR B 291 20.08 -18.71 -32.75
CA TYR B 291 19.93 -19.76 -33.78
C TYR B 291 20.07 -21.19 -33.33
N HIS B 292 21.13 -21.53 -32.61
CA HIS B 292 21.36 -22.86 -32.13
C HIS B 292 20.33 -23.34 -31.15
N HIS B 293 20.00 -22.49 -30.18
CA HIS B 293 18.99 -22.88 -29.12
C HIS B 293 17.62 -23.15 -29.70
N PHE B 294 17.16 -22.33 -30.68
CA PHE B 294 15.81 -22.43 -31.16
C PHE B 294 15.57 -21.87 -32.57
N GLY B 295 16.34 -20.85 -32.96
CA GLY B 295 16.02 -20.13 -34.20
C GLY B 295 16.03 -21.07 -35.45
N TYR B 296 16.96 -22.04 -35.48
CA TYR B 296 17.02 -23.04 -36.59
C TYR B 296 15.77 -23.86 -36.76
N VAL B 297 14.97 -23.98 -35.70
CA VAL B 297 13.69 -24.70 -35.84
C VAL B 297 12.79 -24.10 -36.89
N LYS B 298 12.81 -22.79 -37.02
CA LYS B 298 12.06 -22.14 -38.09
C LYS B 298 12.96 -21.99 -39.35
N LEU B 299 14.18 -21.46 -39.15
CA LEU B 299 15.07 -20.97 -40.24
C LEU B 299 15.58 -22.17 -41.05
N GLU B 300 15.92 -23.26 -40.40
CA GLU B 300 16.38 -24.46 -41.11
C GLU B 300 15.25 -25.48 -41.35
N LEU B 301 14.46 -25.77 -40.32
CA LEU B 301 13.51 -26.81 -40.42
C LEU B 301 12.16 -26.39 -40.91
N GLY B 302 11.83 -25.10 -40.84
CA GLY B 302 10.60 -24.69 -41.45
C GLY B 302 9.37 -24.72 -40.52
N TYR B 303 9.58 -24.90 -39.22
CA TYR B 303 8.43 -24.97 -38.27
C TYR B 303 8.05 -23.56 -37.79
N SER B 304 6.77 -23.38 -37.42
CA SER B 304 6.31 -22.17 -36.74
C SER B 304 7.00 -22.11 -35.38
N VAL B 305 7.59 -20.94 -35.06
CA VAL B 305 8.23 -20.73 -33.77
C VAL B 305 7.68 -19.39 -33.28
N VAL B 306 7.06 -19.45 -32.09
CA VAL B 306 6.48 -18.29 -31.45
C VAL B 306 7.22 -18.09 -30.16
N ILE B 307 7.98 -16.98 -30.05
CA ILE B 307 8.67 -16.80 -28.77
C ILE B 307 7.63 -16.50 -27.68
N GLY B 308 7.61 -17.34 -26.63
CA GLY B 308 6.47 -17.20 -25.71
C GLY B 308 6.76 -16.32 -24.51
N GLU B 309 8.05 -16.03 -24.30
CA GLU B 309 8.40 -15.01 -23.22
C GLU B 309 9.74 -14.43 -23.64
N PHE B 310 9.88 -13.11 -23.51
CA PHE B 310 11.18 -12.45 -23.46
C PHE B 310 10.91 -11.08 -22.86
N GLY B 311 11.94 -10.52 -22.23
CA GLY B 311 11.71 -9.13 -21.69
C GLY B 311 12.83 -8.83 -20.74
N GLY B 312 12.75 -7.67 -20.13
CA GLY B 312 13.76 -7.19 -19.24
C GLY B 312 13.56 -5.71 -18.92
N LYS B 313 14.36 -5.16 -17.98
CA LYS B 313 14.09 -3.81 -17.50
C LYS B 313 14.47 -2.65 -18.43
N TYR B 314 15.22 -2.94 -19.51
CA TYR B 314 15.53 -1.99 -20.54
C TYR B 314 16.15 -0.73 -19.82
N GLY B 315 17.08 -1.01 -18.87
CA GLY B 315 17.90 0.12 -18.29
C GLY B 315 17.17 0.85 -17.14
N HIS B 316 15.94 0.44 -16.82
CA HIS B 316 15.17 1.16 -15.77
C HIS B 316 15.30 0.40 -14.53
N GLY B 317 16.37 0.70 -13.80
CA GLY B 317 16.59 0.06 -12.55
C GLY B 317 17.28 -1.25 -12.72
N GLY B 318 17.80 -1.56 -13.91
CA GLY B 318 18.45 -2.86 -13.97
C GLY B 318 19.80 -2.67 -14.65
N ASP B 319 20.29 -3.72 -15.29
CA ASP B 319 21.66 -3.80 -15.93
C ASP B 319 21.60 -3.02 -17.22
N PRO B 320 22.53 -2.07 -17.44
CA PRO B 320 22.43 -1.22 -18.64
C PRO B 320 22.57 -2.03 -19.94
N ARG B 321 23.14 -3.23 -19.83
CA ARG B 321 23.28 -4.06 -21.01
C ARG B 321 21.94 -4.61 -21.49
N ASP B 322 20.93 -4.51 -20.62
CA ASP B 322 19.64 -5.12 -21.08
C ASP B 322 19.06 -4.32 -22.25
N VAL B 323 19.36 -3.02 -22.34
CA VAL B 323 18.88 -2.16 -23.41
C VAL B 323 19.42 -2.72 -24.71
N ILE B 324 20.73 -3.03 -24.72
CA ILE B 324 21.25 -3.38 -25.98
C ILE B 324 20.87 -4.83 -26.28
N TRP B 325 20.70 -5.68 -25.26
CA TRP B 325 20.18 -7.07 -25.46
C TRP B 325 18.80 -7.01 -26.12
N GLN B 326 17.86 -6.21 -25.56
CA GLN B 326 16.50 -6.13 -26.17
C GLN B 326 16.53 -5.56 -27.59
N ASN B 327 17.35 -4.58 -27.81
CA ASN B 327 17.47 -3.97 -29.14
C ASN B 327 18.00 -4.99 -30.12
N LYS B 328 19.01 -5.76 -29.72
CA LYS B 328 19.56 -6.77 -30.59
C LYS B 328 18.58 -7.95 -30.88
N LEU B 329 17.80 -8.34 -29.88
CA LEU B 329 16.94 -9.49 -30.06
C LEU B 329 15.84 -9.04 -31.03
N VAL B 330 15.31 -7.86 -30.78
CA VAL B 330 14.23 -7.39 -31.69
C VAL B 330 14.78 -7.23 -33.12
N ASP B 331 15.99 -6.65 -33.25
CA ASP B 331 16.67 -6.65 -34.59
C ASP B 331 16.65 -7.99 -35.29
N TRP B 332 17.03 -9.04 -34.54
CA TRP B 332 17.18 -10.39 -35.06
C TRP B 332 15.81 -10.99 -35.36
N MET B 333 14.85 -10.78 -34.48
CA MET B 333 13.48 -11.25 -34.81
C MET B 333 12.98 -10.64 -36.11
N ILE B 334 13.18 -9.31 -36.27
CA ILE B 334 12.59 -8.64 -37.44
C ILE B 334 13.29 -9.17 -38.70
N GLU B 335 14.61 -9.30 -38.70
CA GLU B 335 15.35 -9.56 -39.89
C GLU B 335 15.10 -10.99 -40.27
N ASN B 336 14.79 -11.83 -39.25
CA ASN B 336 14.49 -13.26 -39.54
C ASN B 336 13.04 -13.64 -39.57
N LYS B 337 12.15 -12.67 -39.56
CA LYS B 337 10.70 -12.87 -39.63
C LYS B 337 10.17 -13.74 -38.45
N PHE B 338 10.70 -13.52 -37.23
CA PHE B 338 10.02 -14.06 -36.05
C PHE B 338 8.99 -12.98 -35.68
N CYS B 339 7.79 -13.07 -36.30
CA CYS B 339 6.78 -12.02 -36.25
C CYS B 339 5.75 -12.25 -35.10
N ASP B 340 5.73 -13.44 -34.52
CA ASP B 340 4.75 -13.82 -33.49
C ASP B 340 5.45 -13.95 -32.14
N PHE B 341 4.97 -13.28 -31.09
CA PHE B 341 5.71 -13.28 -29.84
C PHE B 341 4.79 -12.93 -28.70
N PHE B 342 5.23 -13.19 -27.53
CA PHE B 342 4.56 -12.73 -26.30
C PHE B 342 5.57 -12.14 -25.37
N TYR B 343 5.47 -10.83 -25.18
CA TYR B 343 6.45 -10.13 -24.29
C TYR B 343 6.16 -10.36 -22.83
N TRP B 344 7.21 -10.57 -22.05
CA TRP B 344 6.99 -10.69 -20.57
C TRP B 344 7.49 -9.40 -19.92
N SER B 345 6.58 -8.59 -19.41
CA SER B 345 5.15 -8.89 -19.28
C SER B 345 4.39 -7.57 -19.48
N TRP B 346 3.05 -7.62 -19.63
CA TRP B 346 2.25 -6.39 -19.60
C TRP B 346 2.44 -5.79 -18.17
N ASN B 347 2.32 -6.66 -17.16
CA ASN B 347 2.41 -6.26 -15.70
C ASN B 347 3.73 -5.61 -15.40
N PRO B 348 3.73 -4.56 -14.51
CA PRO B 348 5.04 -4.08 -14.04
C PRO B 348 5.67 -4.93 -12.91
N ASP B 349 4.85 -5.76 -12.27
CA ASP B 349 5.22 -6.41 -11.02
C ASP B 349 5.90 -7.76 -11.25
N SER B 350 6.94 -7.69 -12.09
CA SER B 350 7.75 -8.87 -12.39
C SER B 350 9.16 -8.45 -11.86
N GLY B 351 9.70 -9.15 -10.88
CA GLY B 351 10.84 -8.61 -10.12
C GLY B 351 12.14 -8.43 -10.92
N ASP B 352 12.36 -9.33 -11.89
CA ASP B 352 13.65 -9.25 -12.62
C ASP B 352 13.48 -8.63 -14.00
N THR B 353 12.23 -8.30 -14.43
CA THR B 353 12.08 -7.77 -15.78
C THR B 353 11.27 -6.42 -15.87
N GLY B 354 10.51 -6.03 -14.84
CA GLY B 354 9.54 -4.96 -15.06
C GLY B 354 8.63 -5.48 -16.19
N GLY B 355 7.99 -4.52 -16.81
CA GLY B 355 6.99 -4.83 -17.84
C GLY B 355 6.81 -3.62 -18.78
N ILE B 356 5.78 -3.67 -19.63
CA ILE B 356 5.47 -2.58 -20.50
C ILE B 356 4.94 -1.38 -19.66
N LEU B 357 4.04 -1.67 -18.73
CA LEU B 357 3.57 -0.71 -17.66
C LEU B 357 4.65 -0.39 -16.70
N GLN B 358 4.72 0.88 -16.31
CA GLN B 358 5.45 1.28 -15.10
C GLN B 358 4.74 0.90 -13.81
N ASP B 359 5.42 1.09 -12.65
CA ASP B 359 4.85 0.61 -11.37
C ASP B 359 3.55 1.24 -10.97
N ASP B 360 3.17 2.36 -11.61
CA ASP B 360 1.82 2.90 -11.34
C ASP B 360 0.71 2.12 -12.09
N TRP B 361 1.08 1.07 -12.84
CA TRP B 361 0.03 0.32 -13.61
C TRP B 361 -0.73 1.12 -14.62
N THR B 362 -0.21 2.25 -15.03
CA THR B 362 -0.95 3.13 -15.90
C THR B 362 -0.11 3.71 -17.08
N THR B 363 1.06 4.35 -16.78
CA THR B 363 2.02 4.85 -17.73
C THR B 363 2.91 3.71 -18.26
N ILE B 364 3.32 3.81 -19.54
CA ILE B 364 4.25 2.85 -20.06
C ILE B 364 5.67 3.35 -20.08
N TRP B 365 6.60 2.41 -20.13
CA TRP B 365 8.00 2.79 -20.47
C TRP B 365 8.07 3.00 -21.96
N GLU B 366 8.16 4.29 -22.35
CA GLU B 366 8.10 4.59 -23.78
C GLU B 366 9.28 4.03 -24.56
N ASP B 367 10.50 4.08 -23.98
CA ASP B 367 11.64 3.65 -24.79
C ASP B 367 11.59 2.11 -25.00
N LYS B 368 11.26 1.36 -23.94
CA LYS B 368 11.10 -0.15 -24.06
C LYS B 368 10.04 -0.46 -25.12
N TYR B 369 8.89 0.23 -25.02
CA TYR B 369 7.78 -0.04 -25.91
C TYR B 369 8.14 0.38 -27.33
N ASN B 370 8.89 1.46 -27.49
CA ASN B 370 9.20 1.88 -28.86
C ASN B 370 10.16 0.91 -29.52
N ASN B 371 11.00 0.29 -28.72
CA ASN B 371 11.87 -0.71 -29.29
C ASN B 371 11.02 -1.90 -29.78
N LEU B 372 10.10 -2.36 -28.94
CA LEU B 372 9.29 -3.53 -29.20
C LEU B 372 8.35 -3.25 -30.40
N LYS B 373 7.89 -2.01 -30.51
CA LYS B 373 6.88 -1.70 -31.50
C LYS B 373 7.37 -1.81 -32.94
N ARG B 374 8.68 -1.99 -33.10
CA ARG B 374 9.26 -2.21 -34.40
C ARG B 374 8.77 -3.55 -34.93
N LEU B 375 8.47 -4.48 -34.03
CA LEU B 375 7.89 -5.74 -34.49
C LEU B 375 6.46 -5.63 -35.02
N MET B 376 5.79 -4.54 -34.68
CA MET B 376 4.35 -4.44 -34.94
C MET B 376 4.17 -3.65 -36.28
N ASP B 377 5.31 -3.19 -36.80
CA ASP B 377 5.49 -2.17 -37.89
C ASP B 377 5.52 -0.69 -37.47
N GLN C 1 -10.63 21.80 29.32
CA GLN C 1 -10.45 22.79 28.25
C GLN C 1 -10.50 22.09 26.87
N THR C 2 -10.83 20.80 26.86
CA THR C 2 -11.12 20.04 25.62
C THR C 2 -12.03 18.87 25.86
N PRO C 3 -13.07 18.68 25.00
CA PRO C 3 -13.87 17.50 25.18
C PRO C 3 -13.25 16.23 24.59
N THR C 4 -12.11 16.31 23.89
CA THR C 4 -11.44 15.15 23.26
C THR C 4 -10.18 14.73 23.98
N GLY C 5 -9.64 15.67 24.76
CA GLY C 5 -8.37 15.50 25.46
C GLY C 5 -7.24 16.02 24.60
N ILE C 6 -7.58 16.52 23.38
CA ILE C 6 -6.62 17.16 22.48
C ILE C 6 -6.94 18.65 22.44
N TYR C 7 -5.92 19.49 22.50
CA TYR C 7 -6.05 20.95 22.51
C TYR C 7 -5.05 21.47 21.47
N TYR C 8 -5.50 22.34 20.53
CA TYR C 8 -4.68 22.93 19.52
C TYR C 8 -4.43 24.36 19.92
N GLU C 9 -3.22 24.89 19.71
CA GLU C 9 -3.00 26.28 19.99
C GLU C 9 -1.81 26.75 19.17
N VAL C 10 -1.63 28.08 19.04
CA VAL C 10 -0.51 28.68 18.37
C VAL C 10 0.49 29.13 19.46
N ARG C 11 1.77 28.89 19.23
CA ARG C 11 2.83 29.43 20.07
C ARG C 11 3.77 30.02 19.08
N GLY C 12 3.94 31.33 19.17
CA GLY C 12 4.73 32.07 18.20
C GLY C 12 3.95 32.03 16.91
N ASP C 13 4.56 31.52 15.84
CA ASP C 13 3.77 31.33 14.63
C ASP C 13 3.50 29.86 14.28
N THR C 14 3.71 28.94 15.21
CA THR C 14 3.51 27.51 14.87
C THR C 14 2.39 26.88 15.61
N ILE C 15 1.70 25.94 14.93
CA ILE C 15 0.58 25.26 15.52
C ILE C 15 1.07 24.06 16.31
N TYR C 16 0.53 23.93 17.52
CA TYR C 16 0.81 22.78 18.36
C TYR C 16 -0.40 21.97 18.68
N MET C 17 -0.21 20.66 18.77
CA MET C 17 -1.24 19.77 19.23
C MET C 17 -0.81 19.27 20.60
N ILE C 18 -1.70 19.41 21.58
CA ILE C 18 -1.35 19.03 22.96
C ILE C 18 -2.28 17.95 23.46
N ASN C 19 -1.73 16.87 24.01
CA ASN C 19 -2.57 15.86 24.70
C ASN C 19 -2.67 16.30 26.16
N VAL C 20 -3.81 16.84 26.58
CA VAL C 20 -3.91 17.44 27.91
C VAL C 20 -3.82 16.39 29.03
N THR C 21 -4.24 15.15 28.73
CA THR C 21 -4.23 14.05 29.72
C THR C 21 -2.82 13.59 29.99
N SER C 22 -2.05 13.44 28.92
CA SER C 22 -0.73 12.87 29.06
C SER C 22 0.33 13.96 29.18
N GLY C 23 -0.01 15.20 28.84
CA GLY C 23 1.01 16.28 28.61
C GLY C 23 1.94 16.22 27.38
N GLU C 24 1.85 15.17 26.57
CA GLU C 24 2.63 15.14 25.32
C GLU C 24 2.18 16.31 24.39
N GLU C 25 3.13 16.83 23.63
CA GLU C 25 2.75 17.78 22.60
C GLU C 25 3.69 17.66 21.44
N THR C 26 3.30 18.23 20.31
CA THR C 26 4.17 18.26 19.14
C THR C 26 3.72 19.44 18.35
N PRO C 27 4.68 20.18 17.78
CA PRO C 27 4.24 21.08 16.73
C PRO C 27 3.72 20.22 15.52
N ILE C 28 2.77 20.79 14.79
CA ILE C 28 2.27 20.11 13.60
C ILE C 28 2.43 20.91 12.34
N HIS C 29 2.44 20.24 11.20
CA HIS C 29 2.38 21.00 9.93
C HIS C 29 1.09 20.55 9.27
N LEU C 30 0.59 21.38 8.36
CA LEU C 30 -0.67 21.15 7.64
C LEU C 30 -0.33 21.13 6.19
N PHE C 31 -0.20 19.93 5.60
CA PHE C 31 0.09 19.75 4.18
C PHE C 31 -1.32 19.38 3.67
N GLY C 32 -2.08 20.38 3.22
CA GLY C 32 -3.51 20.22 3.08
C GLY C 32 -4.03 20.29 1.67
N VAL C 33 -5.17 19.64 1.47
CA VAL C 33 -5.96 19.88 0.24
C VAL C 33 -7.39 20.31 0.64
N ASN C 34 -8.08 21.00 -0.29
CA ASN C 34 -9.51 21.27 -0.13
C ASN C 34 -10.28 20.16 -0.89
N TRP C 35 -11.25 19.52 -0.25
CA TRP C 35 -12.09 18.48 -0.91
C TRP C 35 -13.51 19.07 -0.77
N PHE C 36 -14.00 19.68 -1.88
CA PHE C 36 -15.23 20.51 -1.81
C PHE C 36 -16.44 19.76 -2.32
N GLY C 37 -17.62 20.19 -1.87
CA GLY C 37 -18.87 19.58 -2.30
C GLY C 37 -19.98 19.73 -1.27
N PHE C 38 -19.64 19.66 0.00
CA PHE C 38 -20.72 19.88 1.01
C PHE C 38 -21.28 21.29 0.99
N GLU C 39 -20.66 22.16 0.23
CA GLU C 39 -21.09 23.61 0.19
C GLU C 39 -21.94 23.78 -1.07
N THR C 40 -22.14 22.68 -1.87
CA THR C 40 -22.84 22.85 -3.15
C THR C 40 -24.20 22.12 -3.03
N PRO C 41 -25.07 22.23 -4.07
CA PRO C 41 -26.36 21.55 -4.00
C PRO C 41 -26.25 20.01 -3.92
N ASN C 42 -25.04 19.46 -4.12
CA ASN C 42 -24.84 18.02 -3.87
C ASN C 42 -24.88 17.69 -2.38
N HIS C 43 -24.54 18.67 -1.53
CA HIS C 43 -24.48 18.43 -0.05
C HIS C 43 -23.66 17.17 0.25
N VAL C 44 -22.60 17.02 -0.52
CA VAL C 44 -21.62 15.96 -0.28
C VAL C 44 -20.35 16.29 -1.06
N VAL C 45 -19.17 15.90 -0.54
CA VAL C 45 -17.93 16.01 -1.31
C VAL C 45 -18.16 15.35 -2.71
N HIS C 46 -17.59 16.02 -3.71
CA HIS C 46 -17.70 15.60 -5.12
C HIS C 46 -16.79 14.48 -5.42
N GLY C 47 -17.13 13.79 -6.51
CA GLY C 47 -16.29 12.66 -6.94
C GLY C 47 -16.81 11.31 -6.58
N LEU C 48 -17.86 11.18 -5.75
CA LEU C 48 -18.28 9.85 -5.32
C LEU C 48 -19.16 9.18 -6.37
N TRP C 49 -19.43 9.87 -7.47
CA TRP C 49 -19.99 9.21 -8.64
C TRP C 49 -18.95 8.40 -9.38
N LYS C 50 -17.69 8.55 -9.00
CA LYS C 50 -16.57 7.93 -9.80
C LYS C 50 -15.61 7.17 -8.86
N ARG C 51 -15.60 7.55 -7.58
CA ARG C 51 -14.63 7.01 -6.63
C ARG C 51 -15.27 6.56 -5.31
N ASN C 52 -14.58 5.67 -4.61
CA ASN C 52 -15.00 5.27 -3.27
C ASN C 52 -14.36 6.29 -2.32
N TRP C 53 -15.16 6.72 -1.33
CA TRP C 53 -14.75 7.75 -0.42
C TRP C 53 -13.56 7.43 0.47
N GLU C 54 -13.47 6.18 0.87
CA GLU C 54 -12.31 5.80 1.70
C GLU C 54 -11.10 5.72 0.85
N ASP C 55 -11.23 5.19 -0.36
CA ASP C 55 -10.05 5.07 -1.21
C ASP C 55 -9.57 6.42 -1.56
N MET C 56 -10.50 7.42 -1.67
CA MET C 56 -10.07 8.79 -1.87
C MET C 56 -9.15 9.32 -0.72
N LEU C 57 -9.58 9.11 0.51
CA LEU C 57 -8.80 9.53 1.67
C LEU C 57 -7.42 8.83 1.70
N LEU C 58 -7.41 7.56 1.35
CA LEU C 58 -6.12 6.84 1.36
C LEU C 58 -5.25 7.36 0.23
N GLN C 59 -5.81 7.71 -0.92
CA GLN C 59 -4.96 8.30 -1.96
C GLN C 59 -4.35 9.64 -1.54
N ILE C 60 -5.16 10.44 -0.89
CA ILE C 60 -4.68 11.73 -0.43
C ILE C 60 -3.48 11.52 0.57
N LYS C 61 -3.63 10.56 1.47
CA LYS C 61 -2.55 10.33 2.48
C LYS C 61 -1.31 9.79 1.73
N SER C 62 -1.56 8.92 0.74
CA SER C 62 -0.44 8.33 0.00
C SER C 62 0.46 9.34 -0.68
N LEU C 63 -0.09 10.51 -1.05
CA LEU C 63 0.60 11.56 -1.71
C LEU C 63 1.30 12.54 -0.79
N GLY C 64 1.29 12.22 0.50
CA GLY C 64 1.97 13.05 1.49
C GLY C 64 1.13 14.17 2.13
N PHE C 65 -0.18 14.23 1.88
CA PHE C 65 -1.00 15.23 2.56
C PHE C 65 -1.49 14.68 3.90
N ASN C 66 -1.66 15.55 4.89
CA ASN C 66 -2.17 15.12 6.16
C ASN C 66 -3.28 16.02 6.68
N ALA C 67 -3.97 16.74 5.80
CA ALA C 67 -5.01 17.63 6.27
C ALA C 67 -5.98 17.95 5.11
N ILE C 68 -7.24 18.12 5.45
CA ILE C 68 -8.31 18.40 4.46
C ILE C 68 -9.08 19.62 5.03
N ARG C 69 -9.23 20.61 4.16
CA ARG C 69 -10.15 21.70 4.46
C ARG C 69 -11.48 21.29 3.79
N LEU C 70 -12.55 21.25 4.59
CA LEU C 70 -13.83 20.70 4.19
C LEU C 70 -14.90 21.83 4.15
N PRO C 71 -15.12 22.44 2.96
CA PRO C 71 -16.17 23.49 2.83
C PRO C 71 -17.53 22.89 3.13
N PHE C 72 -18.38 23.69 3.78
CA PHE C 72 -19.77 23.23 3.97
C PHE C 72 -20.70 24.44 3.80
N CYS C 73 -21.98 24.13 3.59
CA CYS C 73 -23.01 25.18 3.59
C CYS C 73 -23.97 24.87 4.68
N THR C 74 -24.79 25.88 5.05
CA THR C 74 -25.75 25.64 6.15
C THR C 74 -26.56 24.37 6.03
N GLU C 75 -27.22 24.19 4.88
CA GLU C 75 -28.08 23.01 4.73
C GLU C 75 -27.34 21.68 4.97
N SER C 76 -26.07 21.60 4.56
CA SER C 76 -25.38 20.33 4.69
C SER C 76 -25.18 19.94 6.09
N VAL C 77 -25.11 20.90 6.97
CA VAL C 77 -24.94 20.53 8.36
C VAL C 77 -26.23 20.53 9.24
N LYS C 78 -27.44 20.56 8.64
CA LYS C 78 -28.73 20.25 9.30
C LYS C 78 -29.06 18.78 9.12
N PRO C 79 -29.64 18.12 10.16
CA PRO C 79 -30.07 16.74 10.01
C PRO C 79 -31.11 16.66 8.88
N GLY C 80 -31.10 15.50 8.20
CA GLY C 80 -32.01 15.11 7.12
C GLY C 80 -31.83 15.76 5.76
N THR C 81 -30.64 16.29 5.44
CA THR C 81 -30.43 16.82 4.12
C THR C 81 -29.94 15.69 3.22
N GLN C 82 -30.56 15.51 2.07
CA GLN C 82 -30.22 14.38 1.13
C GLN C 82 -28.94 14.67 0.40
N PRO C 83 -27.90 13.80 0.55
CA PRO C 83 -26.73 14.08 -0.31
C PRO C 83 -27.06 13.53 -1.71
N ILE C 84 -26.51 14.15 -2.74
CA ILE C 84 -26.84 13.81 -4.13
C ILE C 84 -25.52 13.76 -4.85
N GLY C 85 -25.25 12.60 -5.46
CA GLY C 85 -24.05 12.55 -6.29
C GLY C 85 -23.18 11.36 -5.91
N ILE C 86 -23.79 10.23 -5.60
CA ILE C 86 -22.99 9.12 -5.08
C ILE C 86 -23.31 7.86 -5.89
N ASP C 87 -22.27 7.18 -6.39
CA ASP C 87 -22.48 5.84 -7.00
C ASP C 87 -22.42 4.79 -5.86
N TYR C 88 -23.57 4.29 -5.46
CA TYR C 88 -23.68 3.44 -4.24
C TYR C 88 -23.13 1.97 -4.45
N SER C 89 -22.94 1.64 -5.73
CA SER C 89 -22.16 0.47 -6.18
C SER C 89 -20.77 0.57 -5.58
N LYS C 90 -20.18 1.77 -5.75
CA LYS C 90 -18.82 2.09 -5.26
C LYS C 90 -18.76 2.47 -3.81
N ASN C 91 -19.88 2.95 -3.26
CA ASN C 91 -19.97 3.47 -1.90
C ASN C 91 -21.17 2.89 -1.19
N PRO C 92 -21.26 1.53 -1.07
CA PRO C 92 -22.50 0.98 -0.52
C PRO C 92 -22.75 1.35 0.90
N ASP C 93 -21.70 1.69 1.63
CA ASP C 93 -21.91 2.01 3.06
C ASP C 93 -22.45 3.43 3.23
N LEU C 94 -22.66 4.13 2.11
CA LEU C 94 -23.28 5.47 2.23
C LEU C 94 -24.80 5.50 1.88
N ARG C 95 -25.35 4.35 1.48
CA ARG C 95 -26.80 4.23 1.17
C ARG C 95 -27.66 4.61 2.38
N GLY C 96 -28.54 5.58 2.12
CA GLY C 96 -29.51 5.99 3.09
C GLY C 96 -28.99 6.93 4.17
N LEU C 97 -27.71 7.35 4.14
CA LEU C 97 -27.21 8.35 5.11
C LEU C 97 -27.57 9.77 4.65
N ASP C 98 -27.76 10.70 5.60
CA ASP C 98 -27.88 12.09 5.24
C ASP C 98 -26.50 12.81 5.20
N SER C 99 -26.46 14.08 4.80
CA SER C 99 -25.20 14.79 4.55
C SER C 99 -24.39 14.87 5.87
N LEU C 100 -25.06 15.06 7.01
CA LEU C 100 -24.32 15.17 8.27
C LEU C 100 -23.71 13.84 8.69
N GLN C 101 -24.41 12.75 8.42
CA GLN C 101 -23.94 11.34 8.70
C GLN C 101 -22.73 10.98 7.83
N ILE C 102 -22.75 11.44 6.57
CA ILE C 102 -21.55 11.24 5.70
C ILE C 102 -20.42 12.17 6.17
N MET C 103 -20.66 13.44 6.54
CA MET C 103 -19.58 14.28 7.02
C MET C 103 -18.90 13.63 8.25
N GLU C 104 -19.73 13.12 9.15
CA GLU C 104 -19.22 12.44 10.39
C GLU C 104 -18.37 11.22 10.00
N LYS C 105 -18.83 10.43 9.07
CA LYS C 105 -18.11 9.21 8.71
C LYS C 105 -16.76 9.58 8.07
N ILE C 106 -16.75 10.59 7.19
CA ILE C 106 -15.50 11.03 6.58
C ILE C 106 -14.54 11.58 7.61
N ILE C 107 -15.01 12.45 8.51
CA ILE C 107 -14.08 13.05 9.45
C ILE C 107 -13.51 11.95 10.38
N LYS C 108 -14.32 11.00 10.83
CA LYS C 108 -13.80 9.98 11.79
C LYS C 108 -12.77 9.15 11.05
N LYS C 109 -13.09 8.81 9.80
CA LYS C 109 -12.14 7.98 9.05
C LYS C 109 -10.86 8.75 8.79
N ALA C 110 -10.96 10.03 8.40
CA ALA C 110 -9.79 10.85 8.23
C ALA C 110 -8.94 10.75 9.48
N GLY C 111 -9.56 10.82 10.67
CA GLY C 111 -8.71 10.77 11.91
C GLY C 111 -8.00 9.43 12.06
N ASP C 112 -8.68 8.36 11.69
CA ASP C 112 -8.08 6.98 11.77
C ASP C 112 -6.84 7.00 10.91
N LEU C 113 -6.92 7.66 9.76
CA LEU C 113 -5.79 7.70 8.84
C LEU C 113 -4.79 8.80 9.09
N GLY C 114 -4.94 9.57 10.19
CA GLY C 114 -3.99 10.62 10.47
C GLY C 114 -4.18 11.93 9.68
N ILE C 115 -5.41 12.21 9.28
CA ILE C 115 -5.65 13.48 8.54
C ILE C 115 -6.43 14.48 9.38
N PHE C 116 -5.88 15.70 9.50
CA PHE C 116 -6.52 16.77 10.29
C PHE C 116 -7.65 17.32 9.38
N VAL C 117 -8.65 17.86 10.00
CA VAL C 117 -9.75 18.44 9.20
C VAL C 117 -9.98 19.86 9.71
N LEU C 118 -10.07 20.81 8.78
CA LEU C 118 -10.37 22.19 9.09
C LEU C 118 -11.78 22.40 8.53
N LEU C 119 -12.77 22.74 9.35
CA LEU C 119 -14.12 22.98 8.84
C LEU C 119 -14.31 24.39 8.36
N ASP C 120 -14.87 24.54 7.17
CA ASP C 120 -14.85 25.87 6.50
C ASP C 120 -16.30 26.23 6.13
N TYR C 121 -16.90 27.26 6.80
CA TYR C 121 -18.31 27.64 6.54
C TYR C 121 -18.24 28.43 5.25
N HIS C 122 -18.46 27.77 4.13
CA HIS C 122 -17.97 28.35 2.87
C HIS C 122 -19.03 29.19 2.18
N ARG C 123 -20.28 28.79 2.36
CA ARG C 123 -21.48 29.46 1.80
C ARG C 123 -22.63 29.33 2.77
N ILE C 124 -23.46 30.38 2.88
CA ILE C 124 -24.66 30.31 3.67
C ILE C 124 -25.75 29.56 2.89
N GLY C 125 -26.01 30.00 1.64
CA GLY C 125 -26.92 29.22 0.74
C GLY C 125 -26.00 28.15 0.16
N CYS C 126 -26.39 27.45 -0.90
CA CYS C 126 -25.45 26.41 -1.38
C CYS C 126 -25.11 26.65 -2.84
N THR C 127 -25.22 27.92 -3.27
CA THR C 127 -25.03 28.24 -4.71
C THR C 127 -23.86 29.16 -4.96
N HIS C 128 -23.58 30.07 -4.02
CA HIS C 128 -22.47 30.98 -4.19
C HIS C 128 -21.96 31.53 -2.89
N ILE C 129 -20.78 32.11 -2.94
CA ILE C 129 -20.12 32.67 -1.70
C ILE C 129 -20.68 34.07 -1.54
N GLU C 130 -21.37 34.32 -0.44
CA GLU C 130 -21.87 35.69 -0.14
C GLU C 130 -20.71 36.59 0.28
N PRO C 131 -20.80 37.94 0.05
CA PRO C 131 -19.69 38.83 0.44
C PRO C 131 -19.64 39.01 1.93
N LEU C 132 -20.76 38.90 2.63
CA LEU C 132 -20.85 39.04 4.11
C LEU C 132 -21.23 37.75 4.79
N TRP C 133 -21.15 37.76 6.10
CA TRP C 133 -21.55 36.64 6.97
C TRP C 133 -23.04 36.62 7.34
N TYR C 134 -23.87 37.32 6.58
CA TYR C 134 -25.31 37.29 6.82
C TYR C 134 -25.94 37.72 5.47
N THR C 135 -27.24 37.46 5.29
CA THR C 135 -27.96 37.93 4.11
C THR C 135 -29.27 38.58 4.56
N GLU C 136 -30.01 39.09 3.58
CA GLU C 136 -31.33 39.60 3.85
C GLU C 136 -32.19 38.57 4.64
N ASP C 137 -31.95 37.28 4.44
CA ASP C 137 -32.83 36.23 5.01
C ASP C 137 -32.17 35.32 6.07
N PHE C 138 -30.92 35.63 6.43
CA PHE C 138 -30.18 34.77 7.33
C PHE C 138 -29.25 35.71 8.11
N SER C 139 -29.53 35.83 9.40
CA SER C 139 -28.91 36.88 10.20
C SER C 139 -27.57 36.43 10.75
N GLU C 140 -26.81 37.37 11.29
CA GLU C 140 -25.62 37.00 12.04
C GLU C 140 -25.88 36.04 13.14
N GLU C 141 -26.96 36.25 13.88
CA GLU C 141 -27.38 35.28 14.88
C GLU C 141 -27.58 33.85 14.29
N ASP C 142 -28.17 33.73 13.09
CA ASP C 142 -28.35 32.36 12.51
C ASP C 142 -26.97 31.75 12.14
N PHE C 143 -26.07 32.59 11.67
CA PHE C 143 -24.75 32.16 11.23
C PHE C 143 -24.00 31.69 12.49
N ILE C 144 -24.04 32.48 13.57
CA ILE C 144 -23.39 32.05 14.81
C ILE C 144 -23.99 30.77 15.41
N ASN C 145 -25.32 30.70 15.46
CA ASN C 145 -25.95 29.52 15.98
C ASN C 145 -25.62 28.31 15.11
N THR C 146 -25.47 28.57 13.80
CA THR C 146 -24.99 27.43 12.94
C THR C 146 -23.59 26.95 13.42
N TRP C 147 -22.66 27.89 13.62
CA TRP C 147 -21.32 27.47 14.07
C TRP C 147 -21.34 26.79 15.41
N ILE C 148 -22.16 27.32 16.30
CA ILE C 148 -22.26 26.76 17.62
C ILE C 148 -22.70 25.31 17.52
N GLU C 149 -23.71 25.02 16.73
CA GLU C 149 -24.15 23.67 16.54
C GLU C 149 -23.08 22.77 15.91
N VAL C 150 -22.41 23.31 14.91
CA VAL C 150 -21.31 22.55 14.27
C VAL C 150 -20.17 22.26 15.28
N ALA C 151 -19.83 23.25 16.09
CA ALA C 151 -18.72 23.10 17.00
C ALA C 151 -19.11 22.10 18.10
N LYS C 152 -20.38 22.11 18.50
CA LYS C 152 -20.78 21.15 19.55
C LYS C 152 -20.67 19.74 19.03
N ARG C 153 -21.01 19.57 17.76
CA ARG C 153 -21.09 18.20 17.20
C ARG C 153 -19.66 17.77 16.81
N PHE C 154 -18.93 18.62 16.07
CA PHE C 154 -17.69 18.13 15.48
C PHE C 154 -16.50 18.40 16.38
N GLY C 155 -16.72 19.21 17.44
CA GLY C 155 -15.74 19.35 18.49
C GLY C 155 -15.34 18.08 19.19
N LYS C 156 -16.21 17.07 19.11
CA LYS C 156 -15.91 15.77 19.73
C LYS C 156 -14.96 14.88 18.89
N TYR C 157 -14.59 15.31 17.67
CA TYR C 157 -13.71 14.47 16.76
C TYR C 157 -12.31 15.06 16.91
N TRP C 158 -11.34 14.22 17.37
CA TRP C 158 -10.08 14.74 17.93
C TRP C 158 -9.25 15.45 16.86
N ASN C 159 -9.50 15.06 15.61
CA ASN C 159 -8.66 15.52 14.44
C ASN C 159 -9.24 16.75 13.78
N VAL C 160 -10.37 17.25 14.28
CA VAL C 160 -10.86 18.56 13.78
C VAL C 160 -10.07 19.65 14.49
N ILE C 161 -9.29 20.43 13.73
CA ILE C 161 -8.41 21.43 14.35
C ILE C 161 -9.07 22.76 14.62
N GLY C 162 -10.21 23.00 13.98
CA GLY C 162 -10.91 24.25 14.21
C GLY C 162 -11.78 24.70 13.04
N ALA C 163 -12.03 26.00 13.06
CA ALA C 163 -13.08 26.63 12.27
C ALA C 163 -12.54 27.74 11.39
N ASP C 164 -12.72 27.64 10.07
CA ASP C 164 -12.40 28.72 9.18
C ASP C 164 -13.75 29.52 9.07
N LEU C 165 -13.79 30.72 9.70
CA LEU C 165 -15.10 31.23 10.16
C LEU C 165 -16.06 31.53 9.02
N LYS C 166 -15.51 32.12 7.96
CA LYS C 166 -16.33 32.39 6.77
C LYS C 166 -15.43 32.48 5.60
N ASN C 167 -15.77 31.69 4.54
CA ASN C 167 -14.92 31.70 3.37
C ASN C 167 -15.05 33.02 2.63
N GLU C 168 -13.90 33.57 2.29
CA GLU C 168 -13.77 34.71 1.35
C GLU C 168 -14.74 35.86 1.58
N PRO C 169 -14.74 36.44 2.78
CA PRO C 169 -15.35 37.80 2.87
C PRO C 169 -14.84 38.64 1.68
N HIS C 170 -15.75 39.32 0.97
CA HIS C 170 -15.27 40.10 -0.21
C HIS C 170 -16.23 41.21 -0.59
N SER C 171 -15.97 41.86 -1.72
CA SER C 171 -16.85 42.96 -2.14
C SER C 171 -17.50 42.64 -3.45
N VAL C 172 -18.66 43.26 -3.70
CA VAL C 172 -19.25 43.16 -5.04
C VAL C 172 -19.40 44.53 -5.77
N THR C 173 -18.75 45.55 -5.24
CA THR C 173 -18.72 46.87 -5.85
C THR C 173 -17.29 47.36 -5.68
N SER C 174 -16.96 48.42 -6.40
CA SER C 174 -15.61 48.94 -6.42
C SER C 174 -15.44 49.95 -5.33
N PRO C 175 -14.19 50.17 -4.90
CA PRO C 175 -13.89 51.26 -3.98
C PRO C 175 -14.03 52.57 -4.75
N PRO C 176 -14.40 53.66 -4.07
CA PRO C 176 -14.70 53.76 -2.64
C PRO C 176 -16.11 53.35 -2.18
N ALA C 177 -17.07 53.15 -3.09
CA ALA C 177 -18.42 52.72 -2.72
C ALA C 177 -18.35 51.51 -1.80
N ALA C 178 -17.45 50.57 -2.15
CA ALA C 178 -17.40 49.27 -1.44
C ALA C 178 -17.15 49.43 0.05
N TYR C 179 -16.57 50.56 0.45
CA TYR C 179 -16.30 50.76 1.90
C TYR C 179 -17.53 51.15 2.76
N THR C 180 -18.52 51.79 2.15
CA THR C 180 -19.71 52.31 2.87
C THR C 180 -21.05 51.78 2.33
N ASP C 181 -21.05 51.08 1.18
CA ASP C 181 -22.35 50.62 0.59
C ASP C 181 -23.10 49.43 1.21
N GLY C 182 -22.46 48.74 2.19
CA GLY C 182 -23.12 47.67 2.97
C GLY C 182 -23.23 46.39 2.17
N THR C 183 -22.64 46.38 0.99
CA THR C 183 -22.82 45.16 0.11
C THR C 183 -21.65 44.25 0.28
N GLY C 184 -20.57 44.75 0.90
CA GLY C 184 -19.31 44.02 0.96
C GLY C 184 -18.63 44.10 2.32
N ALA C 185 -17.77 43.11 2.59
CA ALA C 185 -17.04 43.09 3.88
C ALA C 185 -16.00 44.24 3.88
N THR C 186 -15.75 44.80 5.07
CA THR C 186 -14.64 45.79 5.21
C THR C 186 -13.77 45.36 6.37
N TRP C 187 -12.79 46.18 6.70
CA TRP C 187 -11.96 45.91 7.85
C TRP C 187 -11.38 47.21 8.37
N GLY C 188 -11.75 47.55 9.60
CA GLY C 188 -11.32 48.87 10.20
C GLY C 188 -12.13 50.09 9.79
N MET C 189 -13.32 49.90 9.22
CA MET C 189 -14.22 51.03 8.95
C MET C 189 -14.90 51.60 10.22
N GLY C 190 -14.98 50.82 11.27
CA GLY C 190 -15.68 51.17 12.51
C GLY C 190 -17.18 50.99 12.42
N ASN C 191 -17.66 50.01 11.61
CA ASN C 191 -19.08 49.74 11.55
C ASN C 191 -19.24 48.21 11.51
N PRO C 192 -19.82 47.63 12.56
CA PRO C 192 -20.00 46.16 12.63
C PRO C 192 -20.94 45.63 11.54
N ALA C 193 -21.71 46.49 10.83
CA ALA C 193 -22.54 45.97 9.67
C ALA C 193 -21.65 45.33 8.61
N THR C 194 -20.40 45.79 8.54
CA THR C 194 -19.49 45.41 7.43
C THR C 194 -18.13 44.91 7.86
N ASP C 195 -17.70 45.25 9.10
CA ASP C 195 -16.30 45.09 9.46
C ASP C 195 -16.05 43.63 9.76
N TRP C 196 -15.33 42.92 8.87
CA TRP C 196 -15.08 41.46 9.17
C TRP C 196 -14.22 41.20 10.43
N ASN C 197 -13.32 42.15 10.72
CA ASN C 197 -12.44 42.01 11.90
C ASN C 197 -13.25 41.96 13.17
N LEU C 198 -14.36 42.72 13.23
CA LEU C 198 -15.24 42.69 14.43
C LEU C 198 -16.09 41.41 14.45
N ALA C 199 -16.66 41.10 13.28
CA ALA C 199 -17.46 39.86 13.13
C ALA C 199 -16.61 38.69 13.56
N ALA C 200 -15.38 38.65 13.11
CA ALA C 200 -14.47 37.49 13.42
C ALA C 200 -14.31 37.34 14.96
N GLU C 201 -14.20 38.47 15.68
CA GLU C 201 -14.19 38.41 17.13
C GLU C 201 -15.45 37.83 17.70
N ARG C 202 -16.60 38.31 17.26
CA ARG C 202 -17.89 37.82 17.77
C ARG C 202 -18.17 36.36 17.48
N ILE C 203 -17.88 35.94 16.24
CA ILE C 203 -18.22 34.56 15.86
C ILE C 203 -17.16 33.65 16.53
N GLY C 204 -15.89 34.05 16.50
CA GLY C 204 -14.83 33.25 17.17
C GLY C 204 -15.04 33.05 18.66
N LYS C 205 -15.46 34.10 19.35
CA LYS C 205 -15.72 33.96 20.80
C LYS C 205 -16.81 33.01 21.06
N ALA C 206 -17.86 33.07 20.21
CA ALA C 206 -18.96 32.10 20.36
C ALA C 206 -18.55 30.64 20.16
N ILE C 207 -17.73 30.39 19.15
CA ILE C 207 -17.21 29.05 18.97
C ILE C 207 -16.33 28.60 20.12
N LEU C 208 -15.45 29.46 20.62
CA LEU C 208 -14.50 29.08 21.65
C LEU C 208 -15.15 28.75 22.98
N LYS C 209 -16.36 29.22 23.19
CA LYS C 209 -17.08 28.95 24.40
C LYS C 209 -17.48 27.50 24.38
N VAL C 210 -17.80 26.95 23.22
CA VAL C 210 -18.22 25.57 23.18
C VAL C 210 -17.15 24.65 22.65
N ALA C 211 -16.15 25.19 21.98
CA ALA C 211 -15.05 24.30 21.54
C ALA C 211 -13.78 25.05 21.88
N PRO C 212 -13.42 25.13 23.21
CA PRO C 212 -12.20 25.92 23.52
C PRO C 212 -10.86 25.39 23.01
N HIS C 213 -10.85 24.14 22.54
CA HIS C 213 -9.69 23.46 22.07
C HIS C 213 -9.40 23.65 20.60
N TRP C 214 -10.35 24.31 19.91
CA TRP C 214 -10.18 24.65 18.45
C TRP C 214 -9.30 25.83 18.18
N LEU C 215 -8.73 25.85 16.96
CA LEU C 215 -8.14 27.03 16.35
C LEU C 215 -9.24 27.80 15.59
N ILE C 216 -9.12 29.12 15.59
CA ILE C 216 -10.02 30.02 14.82
C ILE C 216 -9.20 30.55 13.64
N PHE C 217 -9.58 30.10 12.44
CA PHE C 217 -8.94 30.63 11.20
C PHE C 217 -9.72 31.81 10.64
N VAL C 218 -9.05 32.94 10.44
CA VAL C 218 -9.71 34.17 10.00
C VAL C 218 -9.11 34.60 8.70
N GLU C 219 -9.94 34.63 7.65
CA GLU C 219 -9.44 35.02 6.33
C GLU C 219 -9.31 36.54 6.24
N GLY C 220 -8.67 37.04 5.16
CA GLY C 220 -8.69 38.47 4.83
C GLY C 220 -10.02 38.86 4.25
N THR C 221 -10.20 40.16 3.96
CA THR C 221 -11.30 40.61 3.09
C THR C 221 -10.70 40.86 1.69
N GLN C 222 -11.46 41.50 0.80
CA GLN C 222 -10.97 41.95 -0.48
C GLN C 222 -10.47 43.41 -0.31
N PHE C 223 -11.35 44.26 0.21
CA PHE C 223 -11.00 45.64 0.59
C PHE C 223 -11.12 45.80 2.08
N THR C 224 -10.34 46.75 2.60
CA THR C 224 -10.37 46.94 4.08
C THR C 224 -11.00 48.29 4.52
N ASN C 225 -10.18 49.33 4.40
CA ASN C 225 -10.58 50.74 4.63
C ASN C 225 -9.71 51.58 3.69
N PRO C 226 -10.17 52.82 3.36
CA PRO C 226 -9.49 53.58 2.28
C PRO C 226 -8.04 53.94 2.62
N LYS C 227 -7.76 54.11 3.90
CA LYS C 227 -6.41 54.57 4.32
C LYS C 227 -5.41 53.41 4.10
N THR C 228 -5.74 52.24 4.63
CA THR C 228 -4.97 51.02 4.40
C THR C 228 -4.78 50.66 2.93
N ASP C 229 -5.86 50.52 2.18
CA ASP C 229 -5.76 50.09 0.79
C ASP C 229 -5.03 51.04 -0.16
N SER C 230 -5.10 52.35 0.11
CA SER C 230 -4.40 53.29 -0.79
C SER C 230 -2.93 53.48 -0.36
N SER C 231 -2.50 52.80 0.69
CA SER C 231 -1.14 52.98 1.17
C SER C 231 -0.22 51.97 0.54
N TYR C 232 -0.75 51.15 -0.35
CA TYR C 232 0.08 50.23 -1.10
C TYR C 232 -0.36 50.26 -2.57
N LYS C 233 0.65 50.22 -3.43
CA LYS C 233 0.45 50.29 -4.89
C LYS C 233 -0.59 49.29 -5.42
N TRP C 234 -0.58 48.08 -4.86
CA TRP C 234 -1.54 47.08 -5.34
C TRP C 234 -2.59 46.79 -4.28
N GLY C 235 -2.91 47.82 -3.48
CA GLY C 235 -3.77 47.62 -2.34
C GLY C 235 -5.21 47.31 -2.76
N TYR C 236 -5.59 47.56 -4.02
CA TYR C 236 -6.94 47.30 -4.50
C TYR C 236 -7.00 46.02 -5.35
N ASN C 237 -5.87 45.30 -5.43
CA ASN C 237 -5.80 44.07 -6.25
C ASN C 237 -5.48 42.80 -5.45
N ALA C 238 -6.07 42.71 -4.25
CA ALA C 238 -5.97 41.54 -3.41
C ALA C 238 -7.14 40.60 -3.73
N TRP C 239 -6.90 39.31 -3.57
CA TRP C 239 -7.97 38.31 -3.73
C TRP C 239 -9.06 38.37 -2.70
N TRP C 240 -10.23 37.86 -3.04
CA TRP C 240 -11.25 37.64 -1.99
C TRP C 240 -10.62 36.79 -0.90
N GLY C 241 -10.83 37.12 0.36
CA GLY C 241 -10.15 36.33 1.42
C GLY C 241 -8.66 36.63 1.58
N GLY C 242 -8.12 37.55 0.79
CA GLY C 242 -6.69 37.66 0.62
C GLY C 242 -6.06 38.95 1.07
N ASN C 243 -6.85 39.91 1.58
CA ASN C 243 -6.26 41.24 2.02
C ASN C 243 -6.20 41.26 3.56
N LEU C 244 -5.00 41.04 4.12
CA LEU C 244 -4.69 41.07 5.52
C LEU C 244 -3.86 42.33 5.89
N MET C 245 -3.92 43.31 4.99
CA MET C 245 -3.14 44.53 5.12
C MET C 245 -3.59 45.35 6.32
N ALA C 246 -4.82 45.13 6.79
CA ALA C 246 -5.34 45.94 7.88
C ALA C 246 -5.10 45.31 9.28
N VAL C 247 -4.49 44.11 9.30
CA VAL C 247 -4.11 43.42 10.52
C VAL C 247 -3.14 44.30 11.35
N LYS C 248 -2.20 44.97 10.70
CA LYS C 248 -1.23 45.86 11.43
C LYS C 248 -1.93 46.80 12.39
N ASP C 249 -2.85 47.60 11.86
CA ASP C 249 -3.55 48.65 12.67
C ASP C 249 -4.85 48.21 13.30
N TYR C 250 -5.44 47.12 12.77
CA TYR C 250 -6.73 46.65 13.30
C TYR C 250 -6.71 45.16 13.54
N PRO C 251 -5.85 44.70 14.47
CA PRO C 251 -5.80 43.26 14.69
C PRO C 251 -7.13 42.74 15.25
N VAL C 252 -7.43 41.51 14.89
CA VAL C 252 -8.59 40.82 15.46
C VAL C 252 -8.31 40.53 16.94
N ASN C 253 -9.24 40.91 17.81
CA ASN C 253 -9.13 40.68 19.23
C ASN C 253 -9.64 39.32 19.61
N LEU C 254 -8.86 38.28 19.27
CA LEU C 254 -9.09 36.94 19.78
C LEU C 254 -7.83 36.48 20.48
N PRO C 255 -7.90 35.46 21.34
CA PRO C 255 -6.67 35.05 22.04
C PRO C 255 -5.54 34.67 21.08
N LYS C 256 -4.32 35.21 21.33
CA LYS C 256 -3.20 35.03 20.42
C LYS C 256 -2.86 33.57 20.20
N ASN C 257 -3.17 32.74 21.19
CA ASN C 257 -2.86 31.27 21.04
C ASN C 257 -4.01 30.46 20.35
N LYS C 258 -5.08 31.14 19.93
CA LYS C 258 -6.19 30.52 19.20
C LYS C 258 -6.28 30.99 17.73
N LEU C 259 -5.63 32.09 17.40
CA LEU C 259 -5.93 32.76 16.14
C LEU C 259 -4.91 32.40 15.09
N VAL C 260 -5.40 31.98 13.90
CA VAL C 260 -4.57 31.75 12.76
C VAL C 260 -5.14 32.64 11.66
N TYR C 261 -4.27 33.41 11.04
CA TYR C 261 -4.68 34.18 9.89
C TYR C 261 -4.58 33.32 8.63
N SER C 262 -5.61 33.44 7.76
CA SER C 262 -5.69 32.44 6.66
C SER C 262 -6.01 33.14 5.32
N PRO C 263 -4.99 33.69 4.62
CA PRO C 263 -5.28 34.40 3.38
C PRO C 263 -5.46 33.38 2.25
N HIS C 264 -6.16 33.78 1.19
CA HIS C 264 -6.19 33.03 -0.10
C HIS C 264 -5.36 33.75 -1.12
N VAL C 265 -4.77 33.04 -2.08
CA VAL C 265 -3.95 33.78 -3.03
C VAL C 265 -3.97 32.93 -4.25
N TYR C 266 -4.07 33.60 -5.40
CA TYR C 266 -4.29 32.92 -6.64
C TYR C 266 -3.43 33.54 -7.77
N GLY C 267 -3.46 32.89 -8.91
CA GLY C 267 -2.60 33.30 -10.04
C GLY C 267 -3.42 33.69 -11.27
N PRO C 268 -2.75 33.71 -12.44
CA PRO C 268 -3.41 34.26 -13.67
C PRO C 268 -4.59 33.42 -14.15
N ASP C 269 -4.69 32.15 -13.79
CA ASP C 269 -5.88 31.39 -14.12
C ASP C 269 -7.18 31.84 -13.44
N VAL C 270 -7.07 32.59 -12.35
CA VAL C 270 -8.27 33.06 -11.66
C VAL C 270 -8.62 34.50 -12.03
N TYR C 271 -7.61 35.31 -12.26
CA TYR C 271 -7.85 36.69 -12.69
C TYR C 271 -6.59 37.25 -13.21
N ASN C 272 -6.71 37.94 -14.34
CA ASN C 272 -5.50 38.55 -14.95
C ASN C 272 -5.11 39.83 -14.23
N GLN C 273 -4.57 39.69 -13.02
CA GLN C 273 -4.15 40.86 -12.22
C GLN C 273 -3.13 41.66 -13.05
N PRO C 274 -3.12 43.00 -12.88
CA PRO C 274 -2.17 43.94 -13.57
C PRO C 274 -0.70 43.60 -13.34
N TYR C 275 -0.37 43.18 -12.09
CA TYR C 275 0.98 42.74 -11.80
C TYR C 275 1.41 41.40 -12.40
N PHE C 276 0.52 40.74 -13.12
CA PHE C 276 0.98 39.56 -13.87
C PHE C 276 1.56 39.89 -15.26
N GLY C 277 1.62 41.16 -15.66
CA GLY C 277 2.23 41.49 -16.93
C GLY C 277 3.73 41.53 -16.84
N PRO C 278 4.44 40.80 -17.71
CA PRO C 278 5.88 40.97 -17.62
C PRO C 278 6.30 42.45 -17.61
N ALA C 279 5.58 43.28 -18.35
CA ALA C 279 5.68 44.73 -18.26
C ALA C 279 6.01 45.23 -16.85
N LYS C 280 5.37 44.63 -15.85
CA LYS C 280 5.52 45.06 -14.45
C LYS C 280 6.56 44.30 -13.62
N GLY C 281 7.44 43.53 -14.28
CA GLY C 281 8.51 42.81 -13.61
C GLY C 281 8.07 41.44 -13.08
N PHE C 282 6.89 41.00 -13.48
CA PHE C 282 6.51 39.56 -13.35
C PHE C 282 7.57 38.56 -13.84
N PRO C 283 7.90 37.53 -13.05
CA PRO C 283 7.31 37.16 -11.77
C PRO C 283 8.09 37.66 -10.59
N ASP C 284 9.19 38.39 -10.81
CA ASP C 284 10.04 38.76 -9.65
C ASP C 284 9.43 39.79 -8.76
N ASN C 285 8.35 40.42 -9.21
CA ASN C 285 7.59 41.39 -8.41
C ASN C 285 6.68 40.75 -7.34
N LEU C 286 6.43 39.44 -7.43
CA LEU C 286 5.36 38.82 -6.62
C LEU C 286 5.73 38.73 -5.14
N PRO C 287 7.01 38.44 -4.79
CA PRO C 287 7.31 38.42 -3.38
C PRO C 287 6.89 39.65 -2.60
N ASP C 288 7.08 40.84 -3.16
CA ASP C 288 6.72 42.02 -2.45
C ASP C 288 5.19 42.20 -2.28
N ILE C 289 4.47 41.72 -3.27
CA ILE C 289 3.00 41.83 -3.32
C ILE C 289 2.43 40.89 -2.25
N TRP C 290 2.83 39.62 -2.26
CA TRP C 290 2.43 38.68 -1.23
C TRP C 290 2.84 39.14 0.16
N TYR C 291 4.08 39.60 0.31
CA TYR C 291 4.49 40.14 1.59
C TYR C 291 3.52 41.26 2.05
N HIS C 292 3.18 42.21 1.17
CA HIS C 292 2.27 43.32 1.60
C HIS C 292 0.85 42.93 1.86
N HIS C 293 0.29 42.07 1.00
CA HIS C 293 -1.10 41.64 1.20
C HIS C 293 -1.26 40.78 2.44
N PHE C 294 -0.28 39.88 2.71
CA PHE C 294 -0.43 38.97 3.87
C PHE C 294 0.86 38.47 4.48
N GLY C 295 1.93 38.43 3.71
CA GLY C 295 3.15 37.75 4.22
C GLY C 295 3.73 38.39 5.46
N TYR C 296 3.58 39.70 5.57
CA TYR C 296 4.14 40.44 6.72
C TYR C 296 3.51 40.03 8.04
N VAL C 297 2.27 39.46 7.98
CA VAL C 297 1.54 39.09 9.19
C VAL C 297 2.34 38.03 9.98
N LYS C 298 3.03 37.13 9.24
CA LYS C 298 3.95 36.18 9.84
C LYS C 298 5.38 36.83 9.95
N LEU C 299 5.91 37.36 8.86
CA LEU C 299 7.35 37.73 8.77
C LEU C 299 7.71 38.97 9.59
N GLU C 300 6.75 39.85 9.75
CA GLU C 300 6.97 41.06 10.55
C GLU C 300 6.25 40.94 11.87
N LEU C 301 5.00 40.49 11.87
CA LEU C 301 4.25 40.48 13.11
C LEU C 301 4.27 39.20 13.89
N GLY C 302 4.68 38.10 13.28
CA GLY C 302 4.91 36.86 14.06
C GLY C 302 3.68 36.00 14.30
N TYR C 303 2.57 36.33 13.63
CA TYR C 303 1.35 35.46 13.76
C TYR C 303 1.44 34.19 12.92
N SER C 304 0.68 33.18 13.29
CA SER C 304 0.53 31.98 12.44
C SER C 304 -0.25 32.42 11.18
N VAL C 305 0.27 32.04 10.02
CA VAL C 305 -0.41 32.33 8.73
C VAL C 305 -0.53 31.03 7.97
N VAL C 306 -1.76 30.64 7.67
CA VAL C 306 -1.92 29.37 6.97
C VAL C 306 -2.67 29.69 5.67
N ILE C 307 -2.02 29.50 4.54
CA ILE C 307 -2.69 29.72 3.22
C ILE C 307 -3.85 28.75 3.05
N GLY C 308 -5.13 29.23 3.07
CA GLY C 308 -6.30 28.38 3.05
C GLY C 308 -6.69 27.89 1.64
N GLU C 309 -6.28 28.64 0.61
CA GLU C 309 -6.51 28.24 -0.78
C GLU C 309 -5.44 28.90 -1.63
N PHE C 310 -4.94 28.10 -2.57
CA PHE C 310 -4.13 28.62 -3.67
C PHE C 310 -4.10 27.47 -4.69
N GLY C 311 -3.91 27.81 -5.96
CA GLY C 311 -3.96 26.77 -7.00
C GLY C 311 -4.08 27.39 -8.38
N GLY C 312 -4.14 26.53 -9.36
CA GLY C 312 -4.37 26.95 -10.76
C GLY C 312 -4.10 25.77 -11.64
N LYS C 313 -4.28 26.02 -12.96
CA LYS C 313 -4.19 24.90 -13.90
C LYS C 313 -2.79 24.48 -14.26
N TYR C 314 -1.77 25.27 -13.90
CA TYR C 314 -0.39 24.83 -14.08
C TYR C 314 -0.14 24.49 -15.59
N GLY C 315 -0.71 25.33 -16.48
CA GLY C 315 -0.49 25.22 -17.95
C GLY C 315 -1.34 24.14 -18.62
N HIS C 316 -2.20 23.46 -17.87
CA HIS C 316 -3.06 22.42 -18.46
C HIS C 316 -4.37 23.04 -18.81
N GLY C 317 -4.45 23.63 -20.01
CA GLY C 317 -5.68 24.27 -20.38
C GLY C 317 -5.81 25.69 -19.85
N GLY C 318 -4.80 26.29 -19.22
CA GLY C 318 -5.04 27.67 -18.74
C GLY C 318 -4.01 28.62 -19.28
N ASP C 319 -3.86 29.78 -18.64
CA ASP C 319 -2.74 30.67 -18.94
C ASP C 319 -1.35 29.97 -18.69
N PRO C 320 -0.46 29.89 -19.68
CA PRO C 320 0.92 29.40 -19.45
C PRO C 320 1.67 30.10 -18.28
N ARG C 321 1.40 31.38 -18.05
CA ARG C 321 2.03 32.08 -16.91
C ARG C 321 1.73 31.40 -15.57
N ASP C 322 0.68 30.63 -15.49
CA ASP C 322 0.33 29.97 -14.21
C ASP C 322 1.45 29.07 -13.73
N VAL C 323 2.17 28.43 -14.67
CA VAL C 323 3.27 27.55 -14.27
C VAL C 323 4.37 28.36 -13.56
N ILE C 324 4.82 29.44 -14.19
CA ILE C 324 5.77 30.34 -13.57
C ILE C 324 5.24 30.85 -12.19
N TRP C 325 3.97 31.24 -12.18
CA TRP C 325 3.31 31.69 -10.95
C TRP C 325 3.37 30.69 -9.81
N GLN C 326 3.00 29.43 -10.07
CA GLN C 326 2.96 28.43 -8.95
C GLN C 326 4.38 28.05 -8.52
N ASN C 327 5.31 28.10 -9.48
CA ASN C 327 6.70 27.81 -9.19
C ASN C 327 7.29 28.87 -8.27
N LYS C 328 7.05 30.15 -8.58
CA LYS C 328 7.59 31.23 -7.77
C LYS C 328 6.90 31.29 -6.41
N LEU C 329 5.60 31.01 -6.37
CA LEU C 329 4.91 31.01 -5.07
C LEU C 329 5.46 29.92 -4.18
N VAL C 330 5.57 28.69 -4.72
CA VAL C 330 6.17 27.60 -3.87
C VAL C 330 7.61 27.93 -3.42
N ASP C 331 8.41 28.56 -4.30
CA ASP C 331 9.77 29.01 -3.90
C ASP C 331 9.71 29.96 -2.71
N TRP C 332 8.79 30.93 -2.77
CA TRP C 332 8.65 32.01 -1.74
C TRP C 332 8.17 31.37 -0.46
N MET C 333 7.27 30.37 -0.59
CA MET C 333 6.77 29.66 0.62
C MET C 333 7.88 28.84 1.32
N ILE C 334 8.69 28.15 0.53
CA ILE C 334 9.83 27.40 1.06
C ILE C 334 10.82 28.41 1.70
N GLU C 335 11.22 29.45 0.97
CA GLU C 335 12.18 30.43 1.53
C GLU C 335 11.70 31.06 2.85
N ASN C 336 10.43 31.41 2.92
CA ASN C 336 9.86 32.11 4.10
C ASN C 336 9.17 31.21 5.13
N LYS C 337 9.26 29.90 4.92
CA LYS C 337 8.69 28.92 5.81
C LYS C 337 7.15 29.09 6.02
N PHE C 338 6.40 29.23 4.93
CA PHE C 338 4.95 29.11 5.05
C PHE C 338 4.67 27.63 4.78
N CYS C 339 4.77 26.80 5.82
CA CYS C 339 4.73 25.36 5.58
C CYS C 339 3.35 24.72 5.78
N ASP C 340 2.37 25.52 6.19
CA ASP C 340 0.99 25.07 6.45
C ASP C 340 0.10 25.68 5.38
N PHE C 341 -0.59 24.82 4.65
CA PHE C 341 -1.34 25.31 3.49
C PHE C 341 -2.46 24.34 3.17
N PHE C 342 -3.42 24.83 2.38
CA PHE C 342 -4.43 23.96 1.79
C PHE C 342 -4.54 24.29 0.32
N TYR C 343 -4.17 23.30 -0.54
CA TYR C 343 -4.21 23.55 -1.98
C TYR C 343 -5.64 23.54 -2.52
N TRP C 344 -6.00 24.45 -3.43
CA TRP C 344 -7.36 24.38 -4.03
C TRP C 344 -7.20 23.84 -5.44
N SER C 345 -7.61 22.61 -5.76
CA SER C 345 -8.33 21.71 -4.85
C SER C 345 -7.86 20.28 -5.10
N TRP C 346 -8.28 19.36 -4.21
CA TRP C 346 -8.17 17.90 -4.54
C TRP C 346 -8.98 17.66 -5.81
N ASN C 347 -10.23 18.09 -5.77
CA ASN C 347 -11.20 17.93 -6.88
C ASN C 347 -10.63 18.49 -8.25
N PRO C 348 -11.02 17.82 -9.34
CA PRO C 348 -10.68 18.43 -10.63
C PRO C 348 -11.75 19.45 -11.11
N ASP C 349 -12.97 19.39 -10.52
CA ASP C 349 -14.14 20.08 -11.09
C ASP C 349 -14.25 21.51 -10.56
N SER C 350 -13.14 22.20 -10.65
CA SER C 350 -13.04 23.61 -10.34
C SER C 350 -12.69 24.33 -11.64
N GLY C 351 -13.59 25.22 -12.12
CA GLY C 351 -13.53 25.68 -13.50
C GLY C 351 -12.28 26.48 -13.81
N ASP C 352 -11.83 27.32 -12.88
CA ASP C 352 -10.70 28.12 -13.20
C ASP C 352 -9.37 27.62 -12.72
N THR C 353 -9.33 26.54 -11.93
CA THR C 353 -8.06 26.09 -11.36
C THR C 353 -7.72 24.63 -11.63
N GLY C 354 -8.73 23.85 -11.94
CA GLY C 354 -8.54 22.40 -12.00
C GLY C 354 -8.14 21.97 -10.58
N GLY C 355 -7.47 20.85 -10.45
CA GLY C 355 -6.98 20.56 -9.08
C GLY C 355 -5.84 19.53 -9.17
N ILE C 356 -5.61 18.82 -8.05
CA ILE C 356 -4.52 17.75 -8.03
C ILE C 356 -4.92 16.58 -8.92
N LEU C 357 -6.16 16.09 -8.78
CA LEU C 357 -6.70 15.06 -9.67
C LEU C 357 -6.99 15.61 -11.05
N GLN C 358 -6.80 14.76 -12.09
CA GLN C 358 -7.29 15.11 -13.45
C GLN C 358 -8.81 14.85 -13.52
N ASP C 359 -9.46 15.16 -14.64
CA ASP C 359 -10.94 15.02 -14.76
C ASP C 359 -11.42 13.61 -14.66
N ASP C 360 -10.53 12.62 -14.84
CA ASP C 360 -10.97 11.20 -14.60
C ASP C 360 -11.17 10.82 -13.13
N TRP C 361 -10.88 11.79 -12.24
CA TRP C 361 -10.96 11.59 -10.76
C TRP C 361 -10.03 10.51 -10.24
N THR C 362 -9.04 10.11 -11.04
CA THR C 362 -8.23 8.91 -10.65
C THR C 362 -6.75 9.17 -10.76
N THR C 363 -6.29 9.80 -11.83
CA THR C 363 -4.85 10.09 -11.96
C THR C 363 -4.57 11.54 -11.59
N ILE C 364 -3.31 11.91 -11.33
CA ILE C 364 -3.04 13.26 -10.90
C ILE C 364 -2.26 14.03 -11.97
N TRP C 365 -2.23 15.36 -11.90
CA TRP C 365 -1.29 16.12 -12.70
C TRP C 365 0.08 16.03 -12.04
N GLU C 366 0.99 15.26 -12.65
CA GLU C 366 2.32 14.98 -11.98
C GLU C 366 3.18 16.20 -11.84
N ASP C 367 3.20 17.04 -12.88
CA ASP C 367 4.01 18.25 -12.77
C ASP C 367 3.51 19.29 -11.73
N LYS C 368 2.19 19.52 -11.72
CA LYS C 368 1.56 20.39 -10.72
C LYS C 368 1.88 19.84 -9.33
N TYR C 369 1.68 18.55 -9.16
CA TYR C 369 1.85 17.92 -7.85
C TYR C 369 3.34 17.93 -7.42
N ASN C 370 4.23 17.68 -8.39
CA ASN C 370 5.65 17.61 -8.04
C ASN C 370 6.11 19.00 -7.58
N ASN C 371 5.53 20.04 -8.17
CA ASN C 371 5.92 21.38 -7.71
C ASN C 371 5.52 21.58 -6.27
N LEU C 372 4.25 21.32 -5.97
CA LEU C 372 3.79 21.44 -4.56
C LEU C 372 4.54 20.54 -3.60
N LYS C 373 4.98 19.36 -4.09
CA LYS C 373 5.74 18.44 -3.24
C LYS C 373 7.10 19.01 -2.78
N ARG C 374 7.66 19.96 -3.56
CA ARG C 374 8.89 20.67 -3.15
C ARG C 374 8.72 21.34 -1.84
N LEU C 375 7.52 21.86 -1.61
CA LEU C 375 7.22 22.54 -0.34
C LEU C 375 7.11 21.55 0.76
N MET C 376 6.54 20.38 0.49
CA MET C 376 6.34 19.34 1.51
C MET C 376 7.68 18.70 1.77
N ASP C 377 8.49 18.69 0.70
CA ASP C 377 9.63 17.75 0.45
C ASP C 377 9.27 16.32 -0.03
P PO4 D . -11.84 -14.39 33.40
O1 PO4 D . -12.59 -13.18 32.83
O2 PO4 D . -12.54 -15.70 33.09
O3 PO4 D . -10.52 -14.46 32.73
O4 PO4 D . -11.73 -14.29 34.91
P PO4 E . 3.71 -27.74 -5.91
O1 PO4 E . 3.77 -26.21 -5.63
O2 PO4 E . 2.29 -28.31 -5.90
O3 PO4 E . 4.26 -28.11 -7.25
O4 PO4 E . 4.62 -28.33 -4.83
P PO4 F . 25.65 -14.22 18.65
O1 PO4 F . 24.11 -14.22 18.73
O2 PO4 F . 26.22 -15.15 19.75
O3 PO4 F . 26.02 -14.63 17.21
O4 PO4 F . 26.23 -12.82 18.83
P PO4 G . -13.91 -18.23 30.86
O1 PO4 G . -14.93 -17.12 31.08
O2 PO4 G . -14.02 -18.73 29.43
O3 PO4 G . -12.51 -17.74 31.16
O4 PO4 G . -14.17 -19.38 31.81
P PO4 H . 1.22 -25.00 -47.69
O1 PO4 H . 0.11 -23.96 -47.85
O2 PO4 H . 0.84 -26.31 -47.05
O3 PO4 H . 1.82 -25.34 -49.06
O4 PO4 H . 2.39 -24.43 -46.85
P PO4 I . 1.84 -20.91 -46.94
O1 PO4 I . 1.72 -19.70 -46.01
O2 PO4 I . 0.44 -21.62 -47.27
O3 PO4 I . 2.57 -20.49 -48.23
O4 PO4 I . 2.65 -21.97 -46.27
P PO4 J . -9.51 -7.42 -2.39
O1 PO4 J . -10.71 -6.46 -2.67
O2 PO4 J . -9.51 -8.61 -3.37
O3 PO4 J . -8.26 -6.52 -2.46
O4 PO4 J . -9.62 -8.12 -1.06
P PO4 K . 9.90 -12.45 -10.24
O1 PO4 K . 8.72 -11.59 -9.99
O2 PO4 K . 9.88 -13.85 -9.63
O3 PO4 K . 9.80 -12.92 -11.81
O4 PO4 K . 11.28 -11.77 -10.24
P PO4 L . 8.28 -29.75 -7.50
O1 PO4 L . 7.43 -30.14 -8.68
O2 PO4 L . 9.31 -30.88 -7.41
O3 PO4 L . 9.00 -28.42 -7.71
O4 PO4 L . 7.37 -29.66 -6.28
P PO4 M . 9.45 -19.54 -10.24
O1 PO4 M . 8.09 -19.07 -10.75
O2 PO4 M . 9.52 -21.03 -10.38
O3 PO4 M . 10.54 -18.85 -11.04
O4 PO4 M . 9.63 -19.15 -8.78
P PO4 N . 17.86 -6.74 -11.97
O1 PO4 N . 17.19 -5.52 -11.25
O2 PO4 N . 16.81 -7.63 -12.66
O3 PO4 N . 18.94 -6.40 -12.99
O4 PO4 N . 18.54 -7.55 -10.87
P PO4 O . -0.09 0.71 -7.28
O1 PO4 O . -0.24 1.47 -8.58
O2 PO4 O . -0.16 -0.81 -7.46
O3 PO4 O . 1.43 0.98 -6.97
O4 PO4 O . -0.87 1.22 -6.10
P PO4 P . -11.61 3.59 -6.23
O1 PO4 P . -11.50 2.48 -5.16
O2 PO4 P . -12.66 3.18 -7.24
O3 PO4 P . -12.16 4.80 -5.58
O4 PO4 P . -10.26 3.91 -6.88
P PO4 Q . 2.79 14.10 5.97
O1 PO4 Q . 1.95 15.30 5.43
O2 PO4 Q . 1.91 12.85 6.22
O3 PO4 Q . 3.87 13.84 4.93
O4 PO4 Q . 3.37 14.62 7.31
P PO4 R . -18.84 31.96 -6.38
O1 PO4 R . -19.67 31.51 -7.58
O2 PO4 R . -19.74 32.04 -5.18
O3 PO4 R . -17.73 30.96 -6.14
O4 PO4 R . -18.28 33.35 -6.63
#